data_6HN5
#
_entry.id   6HN5
#
_cell.length_a   1.000
_cell.length_b   1.000
_cell.length_c   1.000
_cell.angle_alpha   90.00
_cell.angle_beta   90.00
_cell.angle_gamma   90.00
#
_symmetry.space_group_name_H-M   'P 1'
#
loop_
_entity.id
_entity.type
_entity.pdbx_description
1 polymer Insulin
2 polymer Insulin
3 polymer 'Insulin receptor,General control protein GCN4'
4 branched 2-acetamido-2-deoxy-beta-D-glucopyranose-(1-4)-2-acetamido-2-deoxy-beta-D-glucopyranose
5 non-polymer 2-acetamido-2-deoxy-beta-D-glucopyranose
#
loop_
_entity_poly.entity_id
_entity_poly.type
_entity_poly.pdbx_seq_one_letter_code
_entity_poly.pdbx_strand_id
1 'polypeptide(L)' GIVEQCCTSICSLYQLENYCN A
2 'polypeptide(L)' FVNQHLCGSHLVEALYLVCGERGFFYTPKT B
3 'polypeptide(L)'
;HLYPGEVCPGMDIRNNLTRLHELENCSVIEGHLQILLMFKTRPEDFRDLSFPKLIMITDYLLLFRVYGLESLKDLFPNLT
VIRGSRLFFNYALVIFEMVHLKELGLYNLMNITRGSVRIEKNNELCYLATIDWSRILDSVEDNHIVLNKDDNEECGDICP
GTAKGKTNCPATVINGQFVERCWTHSHCQKVCPTICKSHGCTAEGLCCHSECLGNCSQPDDPTKCVACRNFYLDGRCVET
CPPPYYHFQDWRCVNFSFCQDLHHKCKNSRRQGCHQYVIHNNKCIPECPSGYTMNSSNLLCTPCLGPCPKVCHLLEGEKT
IDSVTSAQELRGCTVINGSLIINIRGGNNLAAELEANLGLIEEISGYLKIRRSYALVSLSFFRKLRLIRGETLEIGNYSF
YALDNQNLRQLWDWSKHNLTTTQGKLFFHYNPKLCLSEIHKMEEVSGTKGRQERNDIALKTNGDKASCENELLKFSYIRT
SFDKILLRWEPYWPPDFRDLLGFMLFYKEAPYQNVTEFDGQDACGSNSWTVVDIDPPLRSNDPKSQNHPGWLMRGLKPWT
QYAIFVKTLVTFSDERRTYGAKSDIIYVQTDATNPSVPLDPISVSNSSSQIILKWKPPSDPNGNITHYLVFWERQAEDSE
LFELDYCLKGLKLPSRTWSPPFESEDSQKHNQSEYEDSAGECCSCPKTDSQILKELEESSFRKTFEDYLHNVVFVPRPSR
KRRSLGDVGNAGNNEEHRPFEKVVNKESLVISGLRHFTGYRIELQACNQDTPEERCSVAAYVSARTMPEAKADDIVGPVT
HEIFENNVVHLMWQEPKEPNGLIVLYEVSYRRYGDEELHLCVSRKHFALERGCRLRGLSPGNYSVRIRATSLAGNGSWTE
PTYFYVTDYLDVPSNIARMKQLEDKVEELLSKNYHLENEVARLKKLVGER
;
E,F
#
# COMPACT_ATOMS: atom_id res chain seq x y z
N GLY A 1 -15.79 19.84 -0.29
CA GLY A 1 -15.11 19.01 -1.28
C GLY A 1 -14.11 19.83 -2.05
N ILE A 2 -13.27 20.55 -1.31
CA ILE A 2 -12.34 21.47 -1.95
C ILE A 2 -11.22 20.71 -2.65
N VAL A 3 -10.89 19.51 -2.19
CA VAL A 3 -9.91 18.74 -2.92
C VAL A 3 -10.55 18.15 -4.15
N GLU A 4 -11.86 17.90 -4.10
CA GLU A 4 -12.58 17.43 -5.26
C GLU A 4 -12.75 18.48 -6.33
N GLN A 5 -12.48 19.75 -6.01
CA GLN A 5 -12.59 20.84 -6.98
C GLN A 5 -11.24 21.41 -7.36
N CYS A 6 -10.49 21.95 -6.41
CA CYS A 6 -9.33 22.76 -6.74
C CYS A 6 -8.08 21.94 -7.01
N CYS A 7 -8.06 20.69 -6.61
CA CYS A 7 -6.89 19.85 -6.80
C CYS A 7 -7.02 18.93 -8.01
N THR A 8 -8.22 18.38 -8.22
CA THR A 8 -8.47 17.50 -9.34
C THR A 8 -8.87 18.26 -10.59
N SER A 9 -9.76 19.23 -10.47
CA SER A 9 -10.01 20.21 -11.51
C SER A 9 -9.27 21.48 -11.12
N ILE A 10 -9.53 22.58 -11.81
CA ILE A 10 -8.92 23.86 -11.50
C ILE A 10 -10.02 24.81 -11.06
N CYS A 11 -9.86 25.40 -9.88
CA CYS A 11 -10.86 26.32 -9.37
C CYS A 11 -10.66 27.71 -9.92
N SER A 12 -11.77 28.38 -10.20
CA SER A 12 -11.74 29.81 -10.45
C SER A 12 -11.56 30.53 -9.12
N LEU A 13 -11.16 31.79 -9.20
CA LEU A 13 -10.80 32.51 -7.99
C LEU A 13 -12.03 32.91 -7.18
N TYR A 14 -13.18 33.07 -7.83
CA TYR A 14 -14.42 33.32 -7.08
C TYR A 14 -14.93 32.05 -6.42
N GLN A 15 -14.86 30.94 -7.17
CA GLN A 15 -15.26 29.63 -6.65
C GLN A 15 -14.37 29.21 -5.48
N LEU A 16 -13.15 29.70 -5.46
CA LEU A 16 -12.24 29.51 -4.34
C LEU A 16 -12.39 30.61 -3.28
N GLU A 17 -13.00 31.75 -3.61
CA GLU A 17 -13.39 32.69 -2.58
C GLU A 17 -14.60 32.22 -1.78
N ASN A 18 -15.33 31.23 -2.29
CA ASN A 18 -16.45 30.66 -1.54
C ASN A 18 -16.05 30.20 -0.14
N TYR A 19 -14.87 29.61 -0.01
CA TYR A 19 -14.45 29.08 1.29
C TYR A 19 -14.02 30.15 2.26
N CYS A 20 -13.90 31.40 1.83
CA CYS A 20 -13.39 32.47 2.68
C CYS A 20 -14.57 33.27 3.20
N ASN A 21 -15.27 32.67 4.16
CA ASN A 21 -16.50 33.21 4.76
C ASN A 21 -17.57 33.59 3.74
N ASN B 3 0.30 24.91 -13.66
CA ASN B 3 -0.73 23.90 -13.42
C ASN B 3 -2.07 24.52 -13.05
N GLN B 4 -2.04 25.44 -12.09
CA GLN B 4 -3.21 25.99 -11.39
C GLN B 4 -4.05 24.91 -10.71
N HIS B 5 -3.45 23.78 -10.36
CA HIS B 5 -4.07 22.81 -9.46
C HIS B 5 -3.52 23.09 -8.07
N LEU B 6 -4.29 23.81 -7.26
CA LEU B 6 -3.87 24.17 -5.92
C LEU B 6 -4.04 22.93 -5.05
N CYS B 7 -3.03 22.09 -5.05
CA CYS B 7 -3.04 20.87 -4.28
C CYS B 7 -2.12 20.98 -3.08
N GLY B 8 -2.18 19.99 -2.23
CA GLY B 8 -1.20 19.83 -1.18
C GLY B 8 -1.29 20.89 -0.12
N SER B 9 -0.14 21.34 0.35
CA SER B 9 -0.07 22.52 1.20
C SER B 9 -0.11 23.79 0.40
N HIS B 10 0.01 23.72 -0.93
CA HIS B 10 -0.10 24.91 -1.74
C HIS B 10 -1.52 25.43 -1.76
N LEU B 11 -2.50 24.55 -1.55
CA LEU B 11 -3.88 24.99 -1.39
C LEU B 11 -4.05 25.81 -0.13
N VAL B 12 -3.32 25.50 0.92
CA VAL B 12 -3.43 26.25 2.17
C VAL B 12 -2.76 27.60 2.05
N GLU B 13 -1.48 27.61 1.66
CA GLU B 13 -0.73 28.85 1.59
C GLU B 13 -1.18 29.72 0.43
N ALA B 14 -1.81 29.12 -0.58
CA ALA B 14 -2.29 29.85 -1.73
C ALA B 14 -3.76 30.18 -1.64
N LEU B 15 -4.47 29.61 -0.70
CA LEU B 15 -5.83 30.06 -0.44
C LEU B 15 -5.87 31.04 0.70
N TYR B 16 -4.84 31.02 1.55
CA TYR B 16 -4.68 32.07 2.55
C TYR B 16 -4.49 33.44 1.93
N LEU B 17 -3.85 33.51 0.77
CA LEU B 17 -3.69 34.78 0.08
C LEU B 17 -4.98 35.32 -0.51
N VAL B 18 -6.06 34.55 -0.46
CA VAL B 18 -7.35 35.02 -0.93
C VAL B 18 -8.19 35.61 0.20
N CYS B 19 -8.05 35.10 1.41
CA CYS B 19 -8.80 35.62 2.55
C CYS B 19 -7.92 35.75 3.79
N GLY B 20 -6.79 36.44 3.64
CA GLY B 20 -5.83 36.58 4.72
C GLY B 20 -6.32 37.30 5.96
N GLU B 21 -7.44 38.00 5.89
CA GLU B 21 -7.89 38.68 7.09
C GLU B 21 -9.36 38.37 7.34
N ARG B 22 -10.08 38.01 6.29
CA ARG B 22 -11.47 37.59 6.42
C ARG B 22 -11.57 36.30 7.22
N GLY B 23 -10.85 35.28 6.80
CA GLY B 23 -10.86 33.98 7.45
C GLY B 23 -11.44 32.90 6.56
N PHE B 24 -11.23 31.67 6.99
CA PHE B 24 -11.79 30.49 6.34
C PHE B 24 -13.17 30.26 6.91
N PHE B 25 -14.04 29.63 6.14
CA PHE B 25 -15.43 29.50 6.58
C PHE B 25 -15.65 28.26 7.43
N TYR B 26 -16.51 28.39 8.43
N TYR B 26 -16.46 28.41 8.47
CA TYR B 26 -16.92 27.27 9.27
CA TYR B 26 -16.94 27.27 9.24
C TYR B 26 -18.26 27.60 9.92
C TYR B 26 -18.30 27.59 9.84
N THR B 27 -18.96 26.55 10.32
CA THR B 27 -20.26 26.67 10.95
C THR B 27 -20.13 26.58 12.45
N HIS C 1 -9.69 15.65 43.85
CA HIS C 1 -10.28 16.46 42.79
C HIS C 1 -9.93 15.91 41.41
N LEU C 2 -10.92 15.37 40.71
CA LEU C 2 -10.65 14.87 39.36
C LEU C 2 -10.86 15.94 38.30
N TYR C 3 -12.11 16.39 38.14
CA TYR C 3 -12.53 17.21 37.00
C TYR C 3 -13.30 18.43 37.51
N PRO C 4 -12.61 19.42 38.07
CA PRO C 4 -13.34 20.59 38.58
C PRO C 4 -13.90 21.49 37.50
N GLY C 5 -13.19 21.64 36.38
CA GLY C 5 -13.71 22.42 35.28
C GLY C 5 -14.77 21.68 34.51
N GLU C 6 -15.40 22.38 33.58
CA GLU C 6 -16.56 21.81 32.93
C GLU C 6 -16.16 20.81 31.85
N VAL C 7 -17.19 20.21 31.28
CA VAL C 7 -17.07 19.22 30.23
C VAL C 7 -17.68 19.84 28.99
N CYS C 8 -16.85 20.22 28.08
CA CYS C 8 -17.15 21.06 26.95
C CYS C 8 -17.57 20.21 25.77
N PRO C 9 -18.24 20.78 24.79
CA PRO C 9 -18.41 20.08 23.51
C PRO C 9 -17.17 20.23 22.64
N GLY C 10 -17.25 19.79 21.40
CA GLY C 10 -16.07 19.80 20.55
C GLY C 10 -15.76 21.20 20.06
N MET C 11 -14.50 21.59 20.19
CA MET C 11 -14.05 22.93 19.85
C MET C 11 -13.37 22.94 18.49
N ASP C 12 -13.76 23.88 17.65
CA ASP C 12 -13.03 24.21 16.43
C ASP C 12 -12.57 25.64 16.56
N ILE C 13 -11.27 25.86 16.47
CA ILE C 13 -10.66 27.14 16.83
C ILE C 13 -9.79 27.52 15.64
N ARG C 14 -10.26 28.46 14.82
CA ARG C 14 -9.55 28.87 13.63
C ARG C 14 -9.56 30.37 13.47
N ASN C 15 -8.62 30.85 12.65
CA ASN C 15 -8.48 32.20 12.11
C ASN C 15 -8.05 33.25 13.13
N ASN C 16 -8.04 32.90 14.40
CA ASN C 16 -7.72 33.86 15.42
C ASN C 16 -7.11 33.12 16.59
N LEU C 17 -7.07 33.77 17.73
CA LEU C 17 -6.66 33.15 18.95
C LEU C 17 -7.73 33.36 20.01
N THR C 18 -8.81 34.05 19.66
CA THR C 18 -9.81 34.49 20.63
C THR C 18 -10.65 33.33 21.13
N ARG C 19 -10.96 32.38 20.25
CA ARG C 19 -11.84 31.27 20.58
C ARG C 19 -11.22 30.36 21.64
N LEU C 20 -9.89 30.36 21.79
CA LEU C 20 -9.22 29.61 22.86
C LEU C 20 -9.56 30.14 24.24
N HIS C 21 -10.14 31.33 24.34
CA HIS C 21 -10.76 31.76 25.60
C HIS C 21 -11.79 30.76 26.08
N GLU C 22 -12.50 30.11 25.14
CA GLU C 22 -13.47 29.10 25.50
C GLU C 22 -12.87 27.83 26.06
N LEU C 23 -11.55 27.67 26.06
CA LEU C 23 -10.95 26.54 26.76
C LEU C 23 -10.45 26.91 28.14
N GLU C 24 -10.92 28.02 28.71
CA GLU C 24 -10.49 28.31 30.07
C GLU C 24 -11.16 27.42 31.11
N ASN C 25 -12.17 26.62 30.74
CA ASN C 25 -12.94 25.90 31.74
C ASN C 25 -13.17 24.44 31.34
N CYS C 26 -12.34 23.89 30.46
CA CYS C 26 -12.56 22.54 29.97
C CYS C 26 -11.57 21.60 30.64
N SER C 27 -12.08 20.66 31.42
CA SER C 27 -11.24 19.59 31.92
C SER C 27 -11.31 18.35 31.06
N VAL C 28 -12.47 18.06 30.49
CA VAL C 28 -12.70 16.93 29.60
C VAL C 28 -13.49 17.47 28.42
N ILE C 29 -13.14 17.07 27.21
CA ILE C 29 -13.86 17.46 26.02
C ILE C 29 -14.68 16.27 25.54
N GLU C 30 -16.00 16.34 25.59
CA GLU C 30 -16.83 15.33 24.92
C GLU C 30 -16.94 15.61 23.42
N GLY C 31 -15.78 15.60 22.76
CA GLY C 31 -15.75 15.94 21.37
C GLY C 31 -14.30 15.98 20.94
N HIS C 32 -14.04 16.72 19.89
CA HIS C 32 -12.69 16.85 19.41
C HIS C 32 -12.21 18.27 19.54
N LEU C 33 -10.92 18.42 19.41
CA LEU C 33 -10.26 19.70 19.62
C LEU C 33 -9.45 19.98 18.38
N GLN C 34 -9.95 20.83 17.53
CA GLN C 34 -9.22 21.23 16.35
C GLN C 34 -8.68 22.63 16.57
N ILE C 35 -7.36 22.75 16.71
CA ILE C 35 -6.70 24.04 16.77
C ILE C 35 -5.97 24.19 15.47
N LEU C 36 -6.48 25.06 14.60
CA LEU C 36 -5.90 25.00 13.29
C LEU C 36 -6.07 26.30 12.55
N LEU C 37 -5.18 26.52 11.59
CA LEU C 37 -5.19 27.64 10.65
C LEU C 37 -5.09 28.98 11.38
N MET C 38 -3.95 29.19 12.03
CA MET C 38 -3.64 30.43 12.74
C MET C 38 -2.36 31.01 12.15
N PHE C 39 -2.53 31.90 11.18
CA PHE C 39 -1.41 32.40 10.39
C PHE C 39 -0.70 33.59 11.04
N LYS C 40 -1.46 34.61 11.40
CA LYS C 40 -0.87 35.82 11.97
C LYS C 40 -0.78 35.71 13.49
N THR C 41 -0.05 34.72 13.95
CA THR C 41 0.30 34.59 15.35
C THR C 41 1.80 34.48 15.49
N ARG C 42 2.27 34.74 16.70
CA ARG C 42 3.68 34.89 17.03
C ARG C 42 3.92 34.19 18.36
N PRO C 43 5.17 33.80 18.65
CA PRO C 43 5.44 33.23 19.98
C PRO C 43 5.18 34.16 21.14
N GLU C 44 5.10 35.47 20.90
CA GLU C 44 4.62 36.40 21.92
C GLU C 44 3.13 36.26 22.18
N ASP C 45 2.39 35.61 21.29
CA ASP C 45 1.00 35.32 21.56
C ASP C 45 0.87 34.07 22.42
N PHE C 46 1.71 33.07 22.14
CA PHE C 46 1.64 31.77 22.81
C PHE C 46 2.53 31.69 24.02
N ARG C 47 2.70 32.79 24.76
CA ARG C 47 3.56 32.82 25.92
C ARG C 47 2.79 32.94 27.22
N ASP C 48 1.79 33.81 27.27
CA ASP C 48 0.91 33.93 28.43
C ASP C 48 -0.34 33.08 28.28
N LEU C 49 -0.32 32.12 27.36
CA LEU C 49 -1.51 31.40 26.93
C LEU C 49 -1.35 29.94 27.35
N SER C 50 -2.07 29.53 28.37
CA SER C 50 -1.89 28.21 28.94
C SER C 50 -3.24 27.61 29.33
N PHE C 51 -3.34 26.29 29.21
CA PHE C 51 -4.54 25.55 29.60
C PHE C 51 -4.12 24.40 30.50
N PRO C 52 -3.91 24.66 31.79
CA PRO C 52 -3.53 23.57 32.69
C PRO C 52 -4.71 22.74 33.16
N LYS C 53 -5.93 23.27 33.05
CA LYS C 53 -7.10 22.53 33.48
C LYS C 53 -7.42 21.36 32.57
N LEU C 54 -6.92 21.34 31.34
CA LEU C 54 -7.32 20.31 30.40
C LEU C 54 -6.62 19.01 30.75
N ILE C 55 -7.37 17.93 30.81
CA ILE C 55 -6.89 16.63 31.27
C ILE C 55 -7.08 15.56 30.22
N MET C 56 -8.28 15.43 29.68
CA MET C 56 -8.59 14.33 28.80
C MET C 56 -9.40 14.84 27.62
N ILE C 57 -9.16 14.32 26.44
CA ILE C 57 -10.00 14.54 25.28
C ILE C 57 -10.62 13.22 24.91
N THR C 58 -11.94 13.18 24.77
CA THR C 58 -12.56 11.91 24.43
C THR C 58 -12.33 11.53 22.98
N ASP C 59 -12.33 12.50 22.06
CA ASP C 59 -12.11 12.03 20.70
C ASP C 59 -10.69 12.19 20.17
N TYR C 60 -10.24 13.40 19.86
CA TYR C 60 -8.93 13.53 19.23
C TYR C 60 -8.47 14.97 19.29
N LEU C 61 -7.17 15.13 19.07
CA LEU C 61 -6.52 16.43 19.02
C LEU C 61 -5.95 16.64 17.63
N LEU C 62 -6.21 17.80 17.06
CA LEU C 62 -5.77 18.08 15.70
C LEU C 62 -5.14 19.46 15.66
N LEU C 63 -3.82 19.51 15.52
CA LEU C 63 -3.12 20.77 15.42
C LEU C 63 -2.64 20.91 13.99
N PHE C 64 -3.21 21.85 13.26
CA PHE C 64 -2.88 21.95 11.84
C PHE C 64 -2.49 23.35 11.44
N ARG C 65 -1.27 23.53 10.93
CA ARG C 65 -0.81 24.75 10.24
C ARG C 65 -0.98 25.97 11.16
N VAL C 66 -0.17 25.98 12.21
CA VAL C 66 -0.19 27.03 13.21
C VAL C 66 1.19 27.62 13.31
N TYR C 67 1.29 28.92 13.08
CA TYR C 67 2.55 29.61 13.16
C TYR C 67 2.72 30.19 14.56
N GLY C 68 3.95 30.16 15.04
CA GLY C 68 4.29 30.80 16.26
C GLY C 68 4.28 29.91 17.49
N LEU C 69 3.54 28.81 17.46
CA LEU C 69 3.55 27.93 18.60
C LEU C 69 4.84 27.11 18.59
N GLU C 70 5.57 27.13 19.70
CA GLU C 70 6.85 26.44 19.75
C GLU C 70 6.88 25.19 20.60
N SER C 71 6.02 25.09 21.61
CA SER C 71 5.95 23.88 22.40
C SER C 71 4.58 23.77 23.01
N LEU C 72 4.12 22.54 23.16
CA LEU C 72 2.86 22.32 23.83
C LEU C 72 3.03 22.15 25.32
N LYS C 73 4.21 22.43 25.85
CA LYS C 73 4.40 22.32 27.30
C LYS C 73 3.76 23.46 28.05
N ASP C 74 3.26 24.49 27.36
CA ASP C 74 2.48 25.52 28.00
C ASP C 74 1.00 25.41 27.69
N LEU C 75 0.62 25.01 26.48
CA LEU C 75 -0.80 24.82 26.17
C LEU C 75 -1.37 23.65 26.92
N PHE C 76 -0.73 22.48 26.84
CA PHE C 76 -1.29 21.27 27.40
C PHE C 76 -0.28 20.69 28.36
N PRO C 77 -0.12 21.27 29.55
CA PRO C 77 0.85 20.71 30.49
C PRO C 77 0.32 19.49 31.21
N ASN C 78 -0.98 19.23 31.13
CA ASN C 78 -1.54 18.12 31.86
C ASN C 78 -2.55 17.35 31.03
N LEU C 79 -2.36 17.29 29.73
CA LEU C 79 -3.16 16.40 28.90
C LEU C 79 -2.70 14.98 29.19
N THR C 80 -3.55 14.16 29.80
CA THR C 80 -3.10 12.86 30.28
C THR C 80 -3.63 11.69 29.50
N VAL C 81 -4.86 11.76 28.97
CA VAL C 81 -5.46 10.68 28.23
C VAL C 81 -6.11 11.27 26.99
N ILE C 82 -5.90 10.64 25.84
CA ILE C 82 -6.84 10.79 24.75
C ILE C 82 -7.58 9.49 24.63
N ARG C 83 -8.91 9.54 24.62
CA ARG C 83 -9.61 8.27 24.55
C ARG C 83 -9.74 7.77 23.13
N GLY C 84 -10.15 8.61 22.21
CA GLY C 84 -10.27 8.10 20.86
C GLY C 84 -11.56 7.36 20.61
N SER C 85 -12.66 7.85 21.16
CA SER C 85 -13.95 7.26 20.84
C SER C 85 -14.35 7.56 19.41
N ARG C 86 -13.95 8.72 18.89
CA ARG C 86 -14.09 9.07 17.49
C ARG C 86 -12.72 9.50 17.01
N LEU C 87 -12.20 8.82 16.00
CA LEU C 87 -10.86 9.17 15.55
C LEU C 87 -10.93 10.23 14.48
N PHE C 88 -9.75 10.71 14.07
CA PHE C 88 -9.58 11.56 12.89
C PHE C 88 -8.78 10.70 11.94
N PHE C 89 -9.48 9.94 11.08
CA PHE C 89 -8.90 9.13 10.01
C PHE C 89 -7.85 8.20 10.59
N ASN C 90 -8.31 7.29 11.44
CA ASN C 90 -7.55 6.30 12.22
C ASN C 90 -6.77 6.89 13.39
N TYR C 91 -6.67 8.22 13.52
CA TYR C 91 -5.66 8.78 14.41
C TYR C 91 -6.28 9.65 15.49
N ALA C 92 -5.65 9.59 16.67
CA ALA C 92 -6.15 10.27 17.84
C ALA C 92 -5.37 11.50 18.22
N LEU C 93 -4.08 11.53 17.94
CA LEU C 93 -3.26 12.72 18.06
C LEU C 93 -2.68 13.02 16.69
N VAL C 94 -3.02 14.17 16.13
CA VAL C 94 -2.48 14.57 14.84
C VAL C 94 -1.81 15.91 15.02
N ILE C 95 -0.51 15.95 14.82
CA ILE C 95 0.29 17.16 14.92
C ILE C 95 0.81 17.37 13.51
N PHE C 96 0.10 18.10 12.69
CA PHE C 96 0.40 18.11 11.28
C PHE C 96 0.80 19.51 10.87
N GLU C 97 2.06 19.65 10.47
CA GLU C 97 2.57 20.81 9.75
C GLU C 97 2.53 22.04 10.67
N MET C 98 2.91 21.82 11.92
CA MET C 98 3.14 22.86 12.90
C MET C 98 4.52 23.43 12.63
N VAL C 99 4.60 24.67 12.18
CA VAL C 99 5.83 25.14 11.58
C VAL C 99 6.87 25.45 12.65
N HIS C 100 6.55 26.33 13.59
CA HIS C 100 7.53 26.77 14.56
C HIS C 100 7.63 25.89 15.79
N LEU C 101 7.12 24.66 15.74
CA LEU C 101 6.99 23.87 16.95
C LEU C 101 8.32 23.17 17.22
N LYS C 102 8.89 23.40 18.40
CA LYS C 102 10.23 22.92 18.74
C LYS C 102 10.21 21.54 19.36
N GLU C 103 9.44 21.37 20.42
CA GLU C 103 9.37 20.12 21.13
C GLU C 103 7.90 19.86 21.43
N LEU C 104 7.53 18.59 21.60
CA LEU C 104 6.14 18.30 21.90
C LEU C 104 5.81 18.81 23.29
N GLY C 105 6.48 18.28 24.31
CA GLY C 105 6.18 18.77 25.64
C GLY C 105 4.86 18.29 26.17
N LEU C 106 4.35 17.20 25.62
CA LEU C 106 3.16 16.54 26.13
C LEU C 106 3.56 15.57 27.23
N TYR C 107 4.24 16.11 28.24
CA TYR C 107 4.93 15.29 29.21
C TYR C 107 4.02 14.67 30.25
N ASN C 108 2.71 14.87 30.13
CA ASN C 108 1.75 14.08 30.88
C ASN C 108 0.93 13.15 30.00
N LEU C 109 1.15 13.13 28.69
CA LEU C 109 0.42 12.20 27.83
C LEU C 109 0.91 10.81 28.15
N MET C 110 0.13 10.09 28.95
CA MET C 110 0.57 8.78 29.40
C MET C 110 -0.13 7.62 28.73
N ASN C 111 -1.36 7.81 28.25
CA ASN C 111 -2.05 6.69 27.65
C ASN C 111 -3.04 7.22 26.64
N ILE C 112 -2.91 6.75 25.40
CA ILE C 112 -3.91 6.95 24.36
C ILE C 112 -4.61 5.62 24.16
N THR C 113 -5.92 5.60 24.35
CA THR C 113 -6.65 4.35 24.41
C THR C 113 -6.85 3.73 23.04
N ARG C 114 -7.55 4.45 22.16
CA ARG C 114 -7.96 3.93 20.87
C ARG C 114 -7.42 4.84 19.79
N GLY C 115 -6.88 4.25 18.75
CA GLY C 115 -6.25 5.01 17.71
C GLY C 115 -4.84 5.40 18.10
N SER C 116 -4.08 5.81 17.11
CA SER C 116 -2.66 6.03 17.29
C SER C 116 -2.31 7.49 17.03
N VAL C 117 -1.00 7.73 16.89
CA VAL C 117 -0.41 9.06 16.83
C VAL C 117 0.09 9.30 15.42
N ARG C 118 -0.10 10.50 14.90
CA ARG C 118 0.52 10.90 13.64
C ARG C 118 1.09 12.29 13.78
N ILE C 119 2.36 12.44 13.45
CA ILE C 119 3.11 13.68 13.67
C ILE C 119 4.00 13.84 12.45
N GLU C 120 3.67 14.77 11.56
CA GLU C 120 4.54 14.93 10.41
C GLU C 120 4.54 16.36 9.90
N LYS C 121 5.50 16.62 9.00
CA LYS C 121 5.76 17.92 8.38
C LYS C 121 6.00 19.03 9.40
N ASN C 122 6.56 18.69 10.54
CA ASN C 122 7.03 19.66 11.52
C ASN C 122 8.49 19.93 11.25
N ASN C 123 8.79 21.03 10.56
CA ASN C 123 10.10 21.19 9.96
C ASN C 123 11.20 21.40 10.99
N GLU C 124 10.87 21.92 12.16
CA GLU C 124 11.88 22.19 13.17
C GLU C 124 11.45 21.65 14.51
N LEU C 125 11.04 20.40 14.52
CA LEU C 125 10.65 19.71 15.74
C LEU C 125 11.57 18.54 16.02
N CYS C 126 12.13 18.52 17.22
CA CYS C 126 12.98 17.47 17.74
C CYS C 126 12.39 17.00 19.07
N TYR C 127 13.19 16.23 19.82
CA TYR C 127 12.76 15.48 21.01
C TYR C 127 11.62 14.54 20.63
N LEU C 128 11.94 13.59 19.77
CA LEU C 128 11.01 12.57 19.33
C LEU C 128 11.42 11.16 19.69
N ALA C 129 12.68 10.81 19.55
CA ALA C 129 13.07 9.43 19.80
C ALA C 129 13.21 9.10 21.28
N THR C 130 12.88 10.04 22.16
CA THR C 130 12.99 9.82 23.60
C THR C 130 11.64 9.84 24.29
N ILE C 131 10.59 9.37 23.63
CA ILE C 131 9.24 9.49 24.17
C ILE C 131 8.77 8.18 24.77
N ASP C 132 9.25 7.07 24.21
CA ASP C 132 8.86 5.70 24.58
C ASP C 132 7.35 5.51 24.40
N TRP C 133 6.97 5.49 23.12
CA TRP C 133 5.57 5.30 22.76
C TRP C 133 5.02 3.95 23.17
N SER C 134 5.88 2.95 23.39
CA SER C 134 5.39 1.63 23.76
C SER C 134 4.72 1.62 25.12
N ARG C 135 5.13 2.51 26.01
CA ARG C 135 4.45 2.66 27.28
C ARG C 135 3.31 3.67 27.21
N ILE C 136 3.05 4.25 26.05
CA ILE C 136 1.99 5.23 25.89
C ILE C 136 0.79 4.63 25.18
N LEU C 137 1.03 3.83 24.16
CA LEU C 137 -0.03 3.22 23.37
C LEU C 137 -0.18 1.74 23.67
N ASP C 138 -1.41 1.26 23.57
CA ASP C 138 -1.61 -0.18 23.58
C ASP C 138 -1.13 -0.82 22.29
N SER C 139 -1.22 -0.12 21.17
CA SER C 139 -0.67 -0.58 19.90
C SER C 139 0.17 0.52 19.31
N VAL C 140 1.42 0.21 19.00
CA VAL C 140 2.41 1.19 18.57
C VAL C 140 2.75 1.02 17.11
N GLU C 141 2.34 -0.08 16.49
CA GLU C 141 2.74 -0.48 15.15
C GLU C 141 2.26 0.47 14.06
N ASP C 142 1.29 1.34 14.34
CA ASP C 142 0.84 2.29 13.34
C ASP C 142 0.90 3.71 13.92
N ASN C 143 2.03 4.05 14.53
CA ASN C 143 2.36 5.45 14.63
C ASN C 143 2.85 5.96 13.29
N HIS C 144 3.15 7.24 13.26
CA HIS C 144 3.59 7.88 12.03
CA HIS C 144 3.58 7.89 12.04
C HIS C 144 4.38 9.12 12.44
N ILE C 145 5.69 9.01 12.39
CA ILE C 145 6.58 10.11 12.73
C ILE C 145 7.57 10.20 11.58
N VAL C 146 7.25 11.03 10.60
CA VAL C 146 7.97 11.18 9.34
C VAL C 146 8.13 12.68 9.13
N LEU C 147 9.14 13.09 8.36
CA LEU C 147 9.30 14.45 7.82
C LEU C 147 9.44 15.49 8.92
N ASN C 148 10.54 15.42 9.66
CA ASN C 148 10.77 16.32 10.77
C ASN C 148 12.17 16.89 10.72
N LYS C 149 12.51 17.65 11.78
CA LYS C 149 13.91 18.00 12.03
C LYS C 149 14.69 16.79 12.49
N ASP C 150 14.06 15.92 13.28
CA ASP C 150 14.66 14.68 13.74
C ASP C 150 14.76 13.65 12.62
N ASP C 151 14.11 13.89 11.48
CA ASP C 151 14.41 13.14 10.27
C ASP C 151 15.86 13.34 9.84
N ASN C 152 16.41 14.51 10.13
CA ASN C 152 17.84 14.75 10.06
C ASN C 152 18.47 14.42 11.42
N GLU C 153 19.72 13.97 11.39
CA GLU C 153 20.47 13.67 12.61
C GLU C 153 21.14 14.94 13.13
N GLU C 154 20.29 15.90 13.50
CA GLU C 154 20.73 17.28 13.62
C GLU C 154 20.27 17.89 14.94
N CYS C 155 19.15 17.38 15.45
CA CYS C 155 18.28 18.23 16.26
C CYS C 155 18.70 18.37 17.71
N GLY C 156 19.59 17.52 18.23
CA GLY C 156 19.81 17.62 19.66
C GLY C 156 19.68 16.31 20.41
N ASP C 157 18.58 16.17 21.16
CA ASP C 157 18.25 15.03 22.02
C ASP C 157 19.21 14.90 23.17
N ILE C 158 19.34 15.96 23.97
CA ILE C 158 20.15 15.95 25.17
C ILE C 158 19.23 16.27 26.35
N CYS C 159 19.19 15.37 27.33
CA CYS C 159 18.31 15.49 28.48
C CYS C 159 18.83 14.58 29.58
N PRO C 160 18.71 15.00 30.86
CA PRO C 160 19.26 14.20 31.96
C PRO C 160 18.38 13.05 32.39
N CYS C 169 16.17 10.60 33.95
CA CYS C 169 15.51 9.80 32.93
C CYS C 169 15.76 8.30 33.13
N PRO C 170 14.76 7.48 32.80
CA PRO C 170 14.84 6.05 33.16
C PRO C 170 15.86 5.24 32.39
N ALA C 171 16.27 5.69 31.19
CA ALA C 171 17.27 5.03 30.34
C ALA C 171 16.86 3.59 30.01
N THR C 172 15.79 3.51 29.23
CA THR C 172 15.21 2.21 28.87
C THR C 172 16.14 1.41 27.98
N VAL C 173 16.14 0.10 28.21
CA VAL C 173 16.90 -0.85 27.40
C VAL C 173 15.80 -1.69 26.73
N ILE C 174 14.68 -1.02 26.42
CA ILE C 174 13.57 -1.70 25.75
C ILE C 174 13.95 -2.11 24.33
N ASN C 175 14.62 -1.21 23.61
CA ASN C 175 15.24 -1.60 22.35
C ASN C 175 16.64 -2.12 22.66
N GLY C 176 17.46 -2.32 21.63
CA GLY C 176 18.80 -2.85 21.83
C GLY C 176 19.79 -1.86 22.40
N GLN C 177 19.40 -0.61 22.60
CA GLN C 177 20.31 0.46 22.97
C GLN C 177 19.87 1.09 24.29
N PHE C 178 20.63 2.11 24.71
CA PHE C 178 20.45 2.76 26.00
C PHE C 178 19.97 4.18 25.70
N VAL C 179 18.65 4.34 25.55
CA VAL C 179 18.05 5.64 25.30
C VAL C 179 17.41 6.15 26.57
N GLU C 180 17.89 7.28 27.07
CA GLU C 180 17.17 7.97 28.12
C GLU C 180 15.94 8.63 27.52
N ARG C 181 14.82 8.48 28.18
CA ARG C 181 13.54 8.88 27.63
C ARG C 181 13.10 10.19 28.27
N CYS C 182 12.77 11.17 27.42
CA CYS C 182 12.48 12.51 27.88
C CYS C 182 11.63 13.26 26.86
N TRP C 183 10.75 14.12 27.38
CA TRP C 183 9.92 14.99 26.56
C TRP C 183 10.62 16.29 26.20
N THR C 184 11.21 16.96 27.18
CA THR C 184 11.85 18.24 26.96
C THR C 184 13.30 18.13 27.41
N HIS C 185 13.96 19.27 27.52
CA HIS C 185 15.25 19.30 28.18
C HIS C 185 15.11 19.09 29.68
N SER C 186 13.96 19.43 30.26
CA SER C 186 13.76 19.38 31.70
C SER C 186 12.57 18.52 32.11
N HIS C 187 12.16 17.57 31.28
CA HIS C 187 11.09 16.65 31.64
C HIS C 187 11.40 15.28 31.08
N CYS C 188 11.60 14.30 31.96
CA CYS C 188 11.77 12.93 31.54
C CYS C 188 10.42 12.23 31.41
N GLN C 189 10.38 11.23 30.54
CA GLN C 189 9.25 10.32 30.45
C GLN C 189 9.05 9.56 31.76
N LYS C 190 7.88 9.73 32.38
CA LYS C 190 7.61 9.04 33.63
C LYS C 190 7.32 7.57 33.36
N VAL C 191 8.30 6.72 33.64
CA VAL C 191 8.18 5.29 33.40
C VAL C 191 7.83 4.61 34.73
N CYS C 192 6.62 4.07 34.80
CA CYS C 192 6.22 3.22 35.92
C CYS C 192 6.94 1.88 35.83
N PRO C 193 7.03 1.13 36.95
CA PRO C 193 7.56 -0.24 36.86
C PRO C 193 6.63 -1.19 36.15
N THR C 194 7.03 -2.46 36.08
CA THR C 194 6.33 -3.45 35.28
C THR C 194 4.95 -3.75 35.83
N ILE C 195 4.79 -3.67 37.15
CA ILE C 195 3.59 -4.14 37.80
C ILE C 195 2.43 -3.20 37.52
N CYS C 196 2.60 -1.93 37.82
CA CYS C 196 1.52 -0.95 37.68
C CYS C 196 1.50 -0.52 36.22
N LYS C 197 0.75 -1.28 35.42
CA LYS C 197 0.85 -1.17 33.96
C LYS C 197 0.26 0.12 33.45
N SER C 198 -1.03 0.35 33.72
CA SER C 198 -1.64 1.62 33.38
C SER C 198 -2.46 2.18 34.54
N HIS C 199 -2.37 1.57 35.72
CA HIS C 199 -3.28 1.94 36.80
C HIS C 199 -2.87 3.23 37.47
N GLY C 200 -1.58 3.52 37.52
CA GLY C 200 -1.12 4.75 38.12
C GLY C 200 0.06 4.60 39.06
N CYS C 201 0.82 5.69 39.21
CA CYS C 201 2.02 5.68 40.02
C CYS C 201 2.14 6.99 40.78
N THR C 202 3.04 7.01 41.74
CA THR C 202 3.54 8.22 42.35
C THR C 202 5.02 8.34 42.06
N ALA C 203 5.61 9.48 42.44
CA ALA C 203 7.04 9.65 42.27
C ALA C 203 7.83 8.75 43.21
N GLU C 204 7.22 8.35 44.33
CA GLU C 204 7.79 7.31 45.17
C GLU C 204 7.60 5.92 44.56
N GLY C 205 6.71 5.79 43.59
CA GLY C 205 6.37 4.50 43.02
C GLY C 205 5.26 3.78 43.74
N LEU C 206 4.77 4.30 44.86
CA LEU C 206 3.69 3.69 45.61
C LEU C 206 2.41 3.80 44.80
N CYS C 207 2.02 2.68 44.20
CA CYS C 207 0.99 2.68 43.17
C CYS C 207 -0.40 2.95 43.74
N CYS C 208 -1.19 3.66 42.96
CA CYS C 208 -2.51 4.08 43.38
C CYS C 208 -3.57 3.09 42.89
N HIS C 209 -4.82 3.53 42.95
CA HIS C 209 -5.99 2.69 42.76
C HIS C 209 -5.99 2.07 41.37
N SER C 210 -6.39 0.80 41.30
CA SER C 210 -6.35 0.08 40.03
C SER C 210 -7.40 0.55 39.04
N GLU C 211 -8.41 1.29 39.50
CA GLU C 211 -9.46 1.81 38.64
C GLU C 211 -9.09 3.12 37.98
N CYS C 212 -7.81 3.50 37.99
CA CYS C 212 -7.42 4.81 37.51
C CYS C 212 -6.52 4.66 36.31
N LEU C 213 -6.30 5.77 35.62
CA LEU C 213 -5.51 5.77 34.40
C LEU C 213 -4.57 6.96 34.44
N GLY C 214 -3.32 6.72 34.05
CA GLY C 214 -2.37 7.82 34.03
C GLY C 214 -1.91 8.19 35.42
N ASN C 215 -1.82 9.49 35.67
CA ASN C 215 -1.26 10.00 36.91
C ASN C 215 -2.30 9.86 38.01
N CYS C 216 -1.85 10.04 39.25
CA CYS C 216 -2.72 10.02 40.42
C CYS C 216 -2.03 10.71 41.58
N SER C 217 -2.82 11.40 42.39
CA SER C 217 -2.25 12.18 43.49
C SER C 217 -1.95 11.30 44.69
N GLN C 218 -2.99 10.71 45.28
CA GLN C 218 -2.77 9.91 46.47
C GLN C 218 -2.79 8.44 46.11
N PRO C 219 -1.90 7.64 46.70
CA PRO C 219 -1.94 6.19 46.45
C PRO C 219 -3.15 5.55 47.10
N ASP C 220 -3.85 4.74 46.31
CA ASP C 220 -5.05 3.96 46.67
C ASP C 220 -6.17 4.85 47.19
N ASP C 221 -6.66 5.69 46.29
CA ASP C 221 -7.82 6.53 46.57
C ASP C 221 -8.62 6.63 45.28
N PRO C 222 -9.89 6.26 45.30
CA PRO C 222 -10.71 6.35 44.08
C PRO C 222 -11.11 7.76 43.68
N THR C 223 -10.75 8.79 44.43
CA THR C 223 -11.08 10.15 44.08
C THR C 223 -9.86 10.99 43.74
N LYS C 224 -8.71 10.69 44.33
CA LYS C 224 -7.50 11.47 44.08
C LYS C 224 -6.63 10.89 42.97
N CYS C 225 -7.25 10.31 41.95
CA CYS C 225 -6.55 10.00 40.73
C CYS C 225 -6.59 11.21 39.80
N VAL C 226 -6.26 11.00 38.53
CA VAL C 226 -6.38 12.04 37.51
C VAL C 226 -7.44 11.69 36.48
N ALA C 227 -7.27 10.59 35.77
CA ALA C 227 -8.25 10.17 34.77
C ALA C 227 -8.67 8.75 35.04
N CYS C 228 -9.96 8.50 34.96
CA CYS C 228 -10.52 7.19 35.18
C CYS C 228 -10.39 6.34 33.92
N ARG C 229 -10.07 5.06 34.10
CA ARG C 229 -9.88 4.18 32.97
C ARG C 229 -11.16 3.48 32.55
N ASN C 230 -12.10 3.28 33.48
CA ASN C 230 -13.36 2.69 33.08
C ASN C 230 -14.46 3.73 32.99
N PHE C 231 -14.87 4.32 34.11
CA PHE C 231 -15.98 5.27 34.08
C PHE C 231 -15.83 6.30 35.18
N TYR C 232 -16.57 7.39 35.02
CA TYR C 232 -16.56 8.54 35.91
C TYR C 232 -17.93 8.72 36.53
N LEU C 233 -17.98 8.80 37.86
CA LEU C 233 -19.23 9.11 38.52
C LEU C 233 -18.96 9.84 39.83
N ASP C 234 -19.56 11.03 39.95
CA ASP C 234 -19.59 11.86 41.16
C ASP C 234 -18.17 12.13 41.66
N GLY C 235 -17.27 12.41 40.73
CA GLY C 235 -15.89 12.62 41.07
C GLY C 235 -15.18 11.37 41.52
N ARG C 236 -15.47 10.23 40.92
CA ARG C 236 -14.84 9.00 41.39
C ARG C 236 -14.75 8.00 40.25
N CYS C 237 -13.61 7.31 40.18
CA CYS C 237 -13.35 6.31 39.17
C CYS C 237 -14.14 5.04 39.48
N VAL C 238 -15.25 4.84 38.79
CA VAL C 238 -16.06 3.64 38.99
C VAL C 238 -15.75 2.67 37.87
N GLU C 239 -15.90 1.38 38.16
CA GLU C 239 -15.58 0.32 37.20
C GLU C 239 -16.73 0.09 36.24
N THR C 240 -17.90 -0.23 36.76
CA THR C 240 -19.14 -0.18 36.00
C THR C 240 -20.12 0.67 36.81
N CYS C 241 -20.94 1.39 36.10
CA CYS C 241 -21.79 2.14 37.01
C CYS C 241 -23.10 1.43 37.24
N PRO C 242 -23.52 1.39 38.50
CA PRO C 242 -24.76 0.68 38.83
C PRO C 242 -25.95 1.36 38.19
N PRO C 243 -26.99 0.60 37.85
CA PRO C 243 -28.09 1.18 37.11
C PRO C 243 -29.22 1.67 37.99
N PRO C 244 -29.06 2.76 38.72
CA PRO C 244 -30.09 3.79 38.66
C PRO C 244 -29.65 4.84 37.65
N TYR C 245 -28.39 4.74 37.22
CA TYR C 245 -27.80 5.62 36.23
C TYR C 245 -27.78 4.93 34.88
N TYR C 246 -27.08 5.55 33.93
CA TYR C 246 -26.89 5.00 32.60
C TYR C 246 -25.51 5.40 32.11
N HIS C 247 -24.88 4.52 31.37
CA HIS C 247 -23.61 4.87 30.76
C HIS C 247 -23.82 5.89 29.64
N PHE C 248 -22.74 6.60 29.29
CA PHE C 248 -22.87 7.72 28.36
C PHE C 248 -21.53 8.00 27.72
N GLN C 249 -21.48 7.84 26.40
CA GLN C 249 -20.34 8.14 25.53
C GLN C 249 -19.07 7.45 25.94
N ASP C 250 -19.21 6.25 26.52
CA ASP C 250 -18.17 5.28 26.83
C ASP C 250 -17.27 5.77 27.97
N TRP C 251 -17.45 6.99 28.48
CA TRP C 251 -16.60 7.41 29.56
C TRP C 251 -17.32 7.90 30.79
N ARG C 252 -18.57 8.36 30.71
CA ARG C 252 -19.18 8.74 31.98
C ARG C 252 -20.63 8.30 32.12
N CYS C 253 -21.01 8.09 33.37
CA CYS C 253 -22.35 7.68 33.74
C CYS C 253 -23.15 8.88 34.21
N VAL C 254 -24.47 8.80 34.06
CA VAL C 254 -25.30 9.99 34.10
C VAL C 254 -26.73 9.58 34.44
N ASN C 255 -27.52 10.52 34.95
CA ASN C 255 -28.88 10.28 35.38
C ASN C 255 -29.86 10.35 34.21
N PHE C 256 -31.07 9.84 34.44
CA PHE C 256 -32.07 9.74 33.38
C PHE C 256 -32.61 11.10 32.97
N SER C 257 -32.66 12.04 33.91
CA SER C 257 -33.11 13.40 33.62
C SER C 257 -32.25 14.06 32.56
N PHE C 258 -30.95 13.76 32.56
CA PHE C 258 -30.04 14.27 31.53
C PHE C 258 -30.39 13.71 30.16
N CYS C 259 -30.60 12.40 30.06
CA CYS C 259 -30.77 11.79 28.76
C CYS C 259 -32.14 12.14 28.17
N GLN C 260 -33.17 12.21 29.01
CA GLN C 260 -34.44 12.74 28.53
C GLN C 260 -34.36 14.23 28.26
N ASP C 261 -33.48 14.96 28.95
CA ASP C 261 -33.36 16.40 28.75
C ASP C 261 -32.76 16.69 27.39
N LEU C 262 -31.76 15.91 27.00
CA LEU C 262 -31.22 16.06 25.66
C LEU C 262 -32.20 15.54 24.61
N HIS C 263 -33.04 14.57 24.98
CA HIS C 263 -34.14 14.19 24.11
C HIS C 263 -35.14 15.31 23.92
N HIS C 264 -35.37 16.13 24.97
CA HIS C 264 -36.26 17.26 24.79
C HIS C 264 -35.60 18.36 23.97
N LYS C 265 -34.29 18.55 24.14
CA LYS C 265 -33.60 19.62 23.43
C LYS C 265 -33.45 19.31 21.95
N CYS C 266 -33.33 18.04 21.58
CA CYS C 266 -33.33 17.72 20.16
C CYS C 266 -34.71 17.33 19.66
N LYS C 267 -35.64 17.08 20.58
CA LYS C 267 -37.02 16.79 20.22
C LYS C 267 -37.65 17.98 19.51
N ASN C 268 -37.32 19.19 19.95
CA ASN C 268 -37.64 20.39 19.18
C ASN C 268 -36.71 20.46 17.99
N SER C 269 -37.29 20.57 16.79
CA SER C 269 -36.52 20.54 15.55
C SER C 269 -35.79 21.87 15.40
N ARG C 270 -34.67 21.98 16.10
CA ARG C 270 -33.85 23.19 16.08
C ARG C 270 -32.69 23.10 15.10
N ARG C 271 -32.14 21.91 14.90
CA ARG C 271 -31.08 21.68 13.93
C ARG C 271 -31.33 20.33 13.27
N GLN C 272 -30.39 19.90 12.44
CA GLN C 272 -30.43 18.58 11.82
C GLN C 272 -29.09 17.88 12.00
N GLY C 273 -28.51 18.01 13.19
CA GLY C 273 -27.23 17.39 13.48
C GLY C 273 -27.20 16.69 14.82
N CYS C 274 -28.29 16.83 15.57
CA CYS C 274 -28.45 16.17 16.86
C CYS C 274 -29.25 14.88 16.68
N HIS C 275 -29.51 14.20 17.79
CA HIS C 275 -30.32 13.00 17.79
C HIS C 275 -31.20 12.99 19.02
N GLN C 276 -32.41 12.46 18.87
CA GLN C 276 -33.34 12.34 19.98
C GLN C 276 -32.93 11.13 20.82
N TYR C 277 -32.41 11.37 22.01
CA TYR C 277 -31.69 10.34 22.74
C TYR C 277 -32.62 9.30 23.36
N VAL C 278 -32.17 8.04 23.35
CA VAL C 278 -32.90 6.91 23.92
C VAL C 278 -31.91 6.07 24.73
N ILE C 279 -32.38 4.94 25.27
CA ILE C 279 -31.55 4.11 26.14
C ILE C 279 -31.56 2.66 25.66
N HIS C 280 -30.39 2.04 25.63
CA HIS C 280 -30.26 0.63 25.29
C HIS C 280 -29.14 0.01 26.11
N ASN C 281 -29.44 -1.08 26.81
CA ASN C 281 -28.50 -1.83 27.64
C ASN C 281 -27.79 -0.95 28.65
N ASN C 282 -28.59 -0.11 29.33
CA ASN C 282 -28.13 0.87 30.31
C ASN C 282 -27.24 1.94 29.69
N LYS C 283 -27.33 2.20 28.39
CA LYS C 283 -26.45 3.19 27.76
C LYS C 283 -27.28 4.22 27.01
N CYS C 284 -27.07 5.49 27.32
CA CYS C 284 -27.75 6.57 26.63
C CYS C 284 -27.13 6.73 25.25
N ILE C 285 -27.96 6.68 24.22
CA ILE C 285 -27.51 6.48 22.84
C ILE C 285 -28.23 7.48 21.95
N PRO C 286 -27.65 7.78 20.79
CA PRO C 286 -28.35 8.68 19.85
C PRO C 286 -29.65 8.14 19.31
N GLU C 287 -29.67 6.92 18.79
CA GLU C 287 -30.93 6.31 18.39
C GLU C 287 -30.86 4.81 18.62
N CYS C 288 -32.04 4.19 18.71
CA CYS C 288 -32.19 2.77 19.04
C CYS C 288 -31.48 1.88 18.02
N PRO C 289 -30.97 0.73 18.45
CA PRO C 289 -30.35 -0.20 17.50
C PRO C 289 -31.38 -0.89 16.61
N SER C 290 -30.95 -1.88 15.82
CA SER C 290 -31.88 -2.57 14.96
C SER C 290 -32.85 -3.39 15.78
N GLY C 291 -34.12 -3.37 15.37
CA GLY C 291 -35.10 -4.16 16.05
C GLY C 291 -35.59 -3.57 17.35
N TYR C 292 -35.57 -2.25 17.47
CA TYR C 292 -36.05 -1.61 18.70
C TYR C 292 -36.61 -0.23 18.36
N THR C 293 -37.61 0.19 19.12
CA THR C 293 -38.08 1.56 19.13
C THR C 293 -38.29 2.01 20.57
N MET C 294 -38.51 3.30 20.76
CA MET C 294 -38.64 3.83 22.11
C MET C 294 -40.10 3.91 22.55
N ASN C 295 -40.31 3.65 23.84
CA ASN C 295 -41.59 3.95 24.48
C ASN C 295 -41.53 5.41 24.92
N SER C 296 -42.46 6.23 24.40
CA SER C 296 -42.24 7.67 24.32
C SER C 296 -42.19 8.33 25.71
N SER C 297 -43.03 7.87 26.63
CA SER C 297 -42.97 8.38 27.99
C SER C 297 -41.87 7.73 28.81
N ASN C 298 -41.16 6.76 28.26
CA ASN C 298 -40.13 6.04 28.98
C ASN C 298 -38.76 6.19 28.31
N LEU C 299 -38.74 6.40 27.00
CA LEU C 299 -37.52 6.56 26.19
C LEU C 299 -36.57 5.39 26.31
N LEU C 300 -37.11 4.20 26.49
CA LEU C 300 -36.29 3.02 26.48
C LEU C 300 -36.64 2.24 25.22
N CYS C 301 -35.66 1.53 24.69
CA CYS C 301 -35.82 0.80 23.44
C CYS C 301 -36.40 -0.57 23.78
N THR C 302 -37.63 -0.81 23.35
CA THR C 302 -38.44 -2.02 23.37
C THR C 302 -38.43 -2.68 22.01
N PRO C 303 -38.38 -4.00 21.97
CA PRO C 303 -38.32 -4.71 20.69
C PRO C 303 -39.61 -4.54 19.89
N CYS C 304 -39.46 -4.45 18.57
CA CYS C 304 -40.61 -4.27 17.69
C CYS C 304 -41.35 -5.59 17.48
N LEU C 305 -42.44 -5.50 16.72
CA LEU C 305 -43.16 -6.67 16.25
C LEU C 305 -42.43 -7.20 15.03
N GLY C 306 -41.64 -8.25 15.22
CA GLY C 306 -40.82 -8.76 14.15
C GLY C 306 -39.67 -7.82 13.87
N PRO C 307 -39.35 -7.61 12.59
CA PRO C 307 -38.22 -6.75 12.25
C PRO C 307 -38.58 -5.28 12.21
N CYS C 308 -37.73 -4.46 12.81
CA CYS C 308 -37.61 -3.04 12.47
C CYS C 308 -36.12 -2.72 12.37
N PRO C 309 -35.52 -3.00 11.21
CA PRO C 309 -34.08 -2.78 11.08
C PRO C 309 -33.75 -1.32 10.95
N LYS C 310 -32.57 -0.95 11.45
CA LYS C 310 -32.10 0.43 11.38
C LYS C 310 -31.64 0.75 9.97
N VAL C 311 -32.34 1.67 9.31
CA VAL C 311 -32.06 2.06 7.94
C VAL C 311 -31.23 3.34 7.98
N CYS C 312 -30.15 3.40 7.20
CA CYS C 312 -29.26 4.55 7.17
C CYS C 312 -29.12 5.00 5.73
N HIS C 313 -29.76 6.12 5.41
CA HIS C 313 -29.68 6.70 4.06
C HIS C 313 -28.31 7.31 3.83
N LEU C 314 -27.70 7.00 2.70
CA LEU C 314 -26.42 7.62 2.40
C LEU C 314 -26.60 8.93 1.65
N LEU C 315 -25.69 9.86 1.92
CA LEU C 315 -25.69 11.14 1.23
C LEU C 315 -25.28 10.93 -0.21
N GLU C 316 -26.17 11.30 -1.13
CA GLU C 316 -26.05 11.08 -2.57
C GLU C 316 -25.94 9.61 -2.94
N GLY C 317 -26.49 8.73 -2.09
CA GLY C 317 -26.53 7.30 -2.37
C GLY C 317 -25.16 6.66 -2.48
N GLU C 318 -24.17 7.19 -1.79
CA GLU C 318 -22.79 6.78 -2.01
C GLU C 318 -21.98 7.24 -0.81
N LYS C 319 -21.11 6.37 -0.34
CA LYS C 319 -20.25 6.74 0.78
C LYS C 319 -18.98 5.93 0.67
N THR C 320 -17.83 6.59 0.69
CA THR C 320 -16.55 5.90 0.64
C THR C 320 -16.11 5.63 2.06
N ILE C 321 -15.78 4.38 2.34
CA ILE C 321 -15.23 4.01 3.63
C ILE C 321 -13.72 3.93 3.48
N ASP C 322 -13.00 4.79 4.19
CA ASP C 322 -11.57 4.91 4.01
C ASP C 322 -10.74 4.92 5.27
N SER C 323 -11.35 4.93 6.44
CA SER C 323 -10.62 4.85 7.69
C SER C 323 -11.57 4.44 8.78
N VAL C 324 -11.12 4.56 10.02
CA VAL C 324 -11.93 4.18 11.16
C VAL C 324 -13.04 5.20 11.41
N THR C 325 -12.80 6.46 11.07
CA THR C 325 -13.85 7.47 11.19
C THR C 325 -14.99 7.21 10.23
N SER C 326 -14.67 7.02 8.95
CA SER C 326 -15.73 6.82 7.96
C SER C 326 -16.42 5.48 8.15
N ALA C 327 -15.70 4.46 8.61
CA ALA C 327 -16.35 3.20 8.96
C ALA C 327 -17.27 3.37 10.14
N GLN C 328 -16.80 4.04 11.19
CA GLN C 328 -17.57 4.24 12.42
C GLN C 328 -18.81 5.10 12.19
N GLU C 329 -18.83 5.89 11.13
CA GLU C 329 -20.06 6.53 10.69
C GLU C 329 -21.16 5.55 10.30
N LEU C 330 -20.86 4.27 10.13
CA LEU C 330 -21.88 3.26 9.89
C LEU C 330 -21.96 2.26 11.02
N ARG C 331 -21.61 2.65 12.23
CA ARG C 331 -21.79 1.77 13.36
C ARG C 331 -23.27 1.60 13.65
N GLY C 332 -23.69 0.37 13.89
CA GLY C 332 -25.03 0.07 14.29
C GLY C 332 -26.00 -0.13 13.15
N CYS C 333 -25.78 0.54 12.02
CA CYS C 333 -26.70 0.49 10.90
C CYS C 333 -26.74 -0.90 10.32
N THR C 334 -27.93 -1.40 10.04
CA THR C 334 -28.09 -2.72 9.48
C THR C 334 -28.67 -2.72 8.08
N VAL C 335 -29.24 -1.62 7.63
CA VAL C 335 -29.64 -1.50 6.24
C VAL C 335 -28.91 -0.30 5.65
N ILE C 336 -28.20 -0.53 4.56
CA ILE C 336 -27.53 0.54 3.84
C ILE C 336 -28.35 0.81 2.58
N ASN C 337 -29.01 1.97 2.55
CA ASN C 337 -29.94 2.28 1.48
C ASN C 337 -29.23 2.90 0.27
N GLY C 338 -27.91 2.88 0.24
CA GLY C 338 -27.15 3.36 -0.89
C GLY C 338 -26.05 2.39 -1.21
N SER C 339 -24.90 2.89 -1.61
CA SER C 339 -23.78 2.04 -2.01
C SER C 339 -22.56 2.36 -1.17
N LEU C 340 -21.79 1.34 -0.84
CA LEU C 340 -20.55 1.57 -0.12
C LEU C 340 -19.37 1.37 -1.05
N ILE C 341 -18.27 2.05 -0.72
CA ILE C 341 -17.00 1.88 -1.40
C ILE C 341 -15.96 1.80 -0.31
N ILE C 342 -15.29 0.66 -0.16
CA ILE C 342 -14.18 0.59 0.79
C ILE C 342 -12.87 0.87 0.06
N ASN C 343 -12.16 1.87 0.56
CA ASN C 343 -10.94 2.35 -0.07
C ASN C 343 -9.99 2.64 1.08
N ILE C 344 -9.29 1.62 1.56
CA ILE C 344 -8.47 1.79 2.73
C ILE C 344 -7.02 1.62 2.32
N ARG C 345 -6.35 2.74 2.03
CA ARG C 345 -5.00 2.69 1.48
C ARG C 345 -3.98 2.72 2.60
N GLY C 346 -2.91 1.96 2.42
CA GLY C 346 -1.80 1.84 3.32
C GLY C 346 -2.17 1.38 4.72
N GLY C 347 -1.22 1.56 5.62
CA GLY C 347 -1.41 1.18 6.99
C GLY C 347 -1.08 -0.28 7.21
N ASN C 348 -1.06 -0.67 8.47
CA ASN C 348 -0.63 -2.03 8.79
C ASN C 348 -1.76 -3.03 8.58
N ASN C 349 -2.80 -2.98 9.40
CA ASN C 349 -4.00 -3.80 9.36
C ASN C 349 -5.01 -3.12 10.26
N LEU C 350 -6.18 -2.86 9.72
CA LEU C 350 -7.22 -2.30 10.58
C LEU C 350 -8.57 -2.93 10.27
N ALA C 351 -8.56 -4.20 9.90
CA ALA C 351 -9.79 -4.96 9.71
C ALA C 351 -10.45 -5.32 11.03
N ALA C 352 -9.75 -5.20 12.15
CA ALA C 352 -10.37 -5.44 13.43
C ALA C 352 -11.43 -4.38 13.74
N GLU C 353 -11.12 -3.10 13.55
CA GLU C 353 -12.13 -2.09 13.77
C GLU C 353 -13.05 -1.93 12.58
N LEU C 354 -12.63 -2.37 11.40
CA LEU C 354 -13.60 -2.59 10.33
C LEU C 354 -14.62 -3.64 10.71
N GLU C 355 -14.24 -4.62 11.51
CA GLU C 355 -15.19 -5.64 11.92
C GLU C 355 -16.04 -5.18 13.09
N ALA C 356 -15.45 -4.45 14.03
CA ALA C 356 -16.25 -3.92 15.12
C ALA C 356 -17.21 -2.82 14.66
N ASN C 357 -16.98 -2.21 13.49
CA ASN C 357 -17.85 -1.12 13.07
C ASN C 357 -18.74 -1.45 11.91
N LEU C 358 -18.25 -2.14 10.88
CA LEU C 358 -19.10 -2.56 9.78
C LEU C 358 -19.52 -4.02 9.90
N GLY C 359 -19.69 -4.52 11.11
CA GLY C 359 -19.91 -5.95 11.26
C GLY C 359 -21.35 -6.40 11.16
N LEU C 360 -22.30 -5.51 11.42
CA LEU C 360 -23.68 -5.90 11.65
C LEU C 360 -24.58 -5.61 10.46
N ILE C 361 -24.05 -4.98 9.42
CA ILE C 361 -24.84 -4.59 8.25
C ILE C 361 -25.37 -5.82 7.56
N GLU C 362 -26.68 -5.90 7.37
CA GLU C 362 -27.24 -7.07 6.73
C GLU C 362 -27.69 -6.82 5.30
N GLU C 363 -28.08 -5.60 4.95
CA GLU C 363 -28.59 -5.30 3.61
C GLU C 363 -27.85 -4.12 3.01
N ILE C 364 -27.73 -4.13 1.70
CA ILE C 364 -27.30 -2.99 0.90
C ILE C 364 -28.16 -2.94 -0.34
N SER C 365 -28.87 -1.84 -0.55
CA SER C 365 -29.69 -1.69 -1.74
C SER C 365 -28.98 -0.95 -2.85
N GLY C 366 -27.67 -1.04 -2.90
CA GLY C 366 -26.92 -0.42 -3.97
C GLY C 366 -25.89 -1.39 -4.48
N TYR C 367 -24.66 -0.96 -4.66
CA TYR C 367 -23.58 -1.88 -4.97
C TYR C 367 -22.51 -1.78 -3.89
N LEU C 368 -21.66 -2.79 -3.81
CA LEU C 368 -20.54 -2.76 -2.87
C LEU C 368 -19.24 -2.73 -3.66
N LYS C 369 -18.56 -1.60 -3.64
CA LYS C 369 -17.31 -1.40 -4.37
C LYS C 369 -16.14 -1.51 -3.41
N ILE C 370 -15.08 -2.16 -3.87
CA ILE C 370 -13.88 -2.40 -3.07
C ILE C 370 -12.71 -1.97 -3.94
N ARG C 371 -12.19 -0.77 -3.72
CA ARG C 371 -11.15 -0.28 -4.60
C ARG C 371 -9.93 0.14 -3.80
N ARG C 372 -8.75 -0.16 -4.34
CA ARG C 372 -7.46 0.39 -3.91
C ARG C 372 -7.12 0.12 -2.46
N SER C 373 -7.68 -0.92 -1.86
CA SER C 373 -7.40 -1.24 -0.48
C SER C 373 -6.15 -2.09 -0.40
N TYR C 374 -5.30 -1.79 0.56
CA TYR C 374 -3.98 -2.40 0.59
C TYR C 374 -3.75 -3.30 1.79
N ALA C 375 -4.30 -2.95 2.94
CA ALA C 375 -4.07 -3.71 4.15
C ALA C 375 -5.20 -4.68 4.47
N LEU C 376 -6.07 -4.98 3.52
CA LEU C 376 -7.17 -5.90 3.74
C LEU C 376 -6.80 -7.26 3.19
N VAL C 377 -6.94 -8.29 4.02
CA VAL C 377 -6.75 -9.66 3.59
C VAL C 377 -8.05 -10.42 3.43
N SER C 378 -9.14 -9.95 4.05
CA SER C 378 -10.41 -10.65 3.96
C SER C 378 -11.56 -9.69 4.24
N LEU C 379 -12.68 -9.95 3.55
CA LEU C 379 -13.92 -9.23 3.78
C LEU C 379 -14.77 -9.86 4.84
N SER C 380 -14.15 -10.61 5.75
CA SER C 380 -14.87 -11.19 6.87
C SER C 380 -15.42 -10.13 7.79
N PHE C 381 -14.88 -8.91 7.76
CA PHE C 381 -15.42 -7.82 8.55
C PHE C 381 -16.84 -7.44 8.17
N PHE C 382 -17.25 -7.71 6.94
CA PHE C 382 -18.67 -7.84 6.63
C PHE C 382 -19.07 -9.17 7.24
N ARG C 383 -19.42 -9.14 8.51
CA ARG C 383 -19.67 -10.37 9.23
C ARG C 383 -21.07 -10.91 8.96
N LYS C 384 -22.05 -10.03 8.76
CA LYS C 384 -23.44 -10.41 8.64
C LYS C 384 -24.08 -10.03 7.31
N LEU C 385 -23.31 -9.59 6.33
CA LEU C 385 -23.89 -9.18 5.05
C LEU C 385 -24.40 -10.39 4.31
N ARG C 386 -25.70 -10.39 3.97
CA ARG C 386 -26.26 -11.47 3.18
C ARG C 386 -26.90 -11.04 1.87
N LEU C 387 -27.23 -9.76 1.68
CA LEU C 387 -28.00 -9.33 0.53
C LEU C 387 -27.40 -8.09 -0.11
N ILE C 388 -27.34 -8.09 -1.44
CA ILE C 388 -27.07 -6.92 -2.26
C ILE C 388 -28.24 -6.81 -3.22
N ARG C 389 -29.06 -5.77 -3.08
CA ARG C 389 -30.25 -5.70 -3.90
C ARG C 389 -29.95 -5.30 -5.32
N GLY C 390 -28.89 -4.52 -5.53
CA GLY C 390 -28.64 -4.05 -6.88
C GLY C 390 -29.61 -3.04 -7.40
N GLU C 391 -30.36 -2.37 -6.53
CA GLU C 391 -31.33 -1.38 -6.97
C GLU C 391 -30.69 -0.09 -7.46
N THR C 392 -29.40 0.10 -7.23
CA THR C 392 -28.63 1.22 -7.77
C THR C 392 -27.24 0.66 -8.07
N LEU C 393 -27.05 0.23 -9.30
CA LEU C 393 -25.82 -0.42 -9.69
C LEU C 393 -24.77 0.63 -9.98
N GLU C 394 -23.52 0.19 -10.06
CA GLU C 394 -22.56 1.07 -10.68
C GLU C 394 -22.71 0.96 -12.18
N ILE C 395 -22.34 2.02 -12.90
CA ILE C 395 -22.38 2.02 -14.35
C ILE C 395 -21.55 0.87 -14.91
N GLY C 396 -22.12 0.21 -15.92
CA GLY C 396 -21.74 -1.14 -16.27
C GLY C 396 -22.62 -2.19 -15.64
N ASN C 397 -23.62 -1.78 -14.85
CA ASN C 397 -24.58 -2.65 -14.18
C ASN C 397 -23.92 -3.68 -13.27
N TYR C 398 -23.22 -3.20 -12.25
CA TYR C 398 -22.54 -4.08 -11.30
C TYR C 398 -23.17 -3.89 -9.95
N SER C 399 -23.36 -4.99 -9.23
CA SER C 399 -23.80 -4.92 -7.84
C SER C 399 -22.66 -5.17 -6.85
N PHE C 400 -21.59 -5.83 -7.29
CA PHE C 400 -20.43 -6.02 -6.43
C PHE C 400 -19.18 -5.81 -7.28
N TYR C 401 -18.38 -4.83 -6.90
CA TYR C 401 -17.29 -4.32 -7.71
C TYR C 401 -16.02 -4.50 -6.89
N ALA C 402 -14.98 -5.07 -7.48
CA ALA C 402 -13.74 -5.28 -6.75
C ALA C 402 -12.54 -5.01 -7.64
N LEU C 403 -11.68 -4.06 -7.25
CA LEU C 403 -10.63 -3.57 -8.12
C LEU C 403 -9.39 -3.19 -7.34
N ASP C 404 -8.24 -3.70 -7.78
CA ASP C 404 -6.89 -3.30 -7.37
C ASP C 404 -6.69 -3.46 -5.87
N ASN C 405 -6.65 -4.71 -5.45
CA ASN C 405 -6.46 -5.03 -4.04
C ASN C 405 -5.26 -5.95 -3.95
N GLN C 406 -4.23 -5.50 -3.25
CA GLN C 406 -2.91 -6.13 -3.30
C GLN C 406 -2.71 -7.19 -2.24
N ASN C 407 -3.59 -7.28 -1.24
CA ASN C 407 -3.40 -8.26 -0.18
C ASN C 407 -4.66 -9.03 0.14
N LEU C 408 -5.72 -8.89 -0.65
CA LEU C 408 -6.98 -9.58 -0.37
C LEU C 408 -6.85 -11.03 -0.78
N ARG C 409 -7.11 -11.95 0.16
CA ARG C 409 -6.92 -13.39 -0.04
C ARG C 409 -8.19 -14.22 0.10
N GLN C 410 -9.28 -13.64 0.57
CA GLN C 410 -10.44 -14.38 1.03
C GLN C 410 -11.64 -13.46 0.96
N LEU C 411 -12.68 -13.84 0.24
CA LEU C 411 -13.84 -12.95 0.27
C LEU C 411 -14.65 -13.19 1.54
N TRP C 412 -15.24 -14.37 1.67
CA TRP C 412 -15.80 -14.78 2.93
C TRP C 412 -15.50 -16.26 3.14
N ASP C 413 -15.79 -16.72 4.34
CA ASP C 413 -15.66 -18.13 4.67
C ASP C 413 -16.90 -18.80 4.12
N TRP C 414 -16.84 -19.27 2.86
CA TRP C 414 -18.05 -19.70 2.18
C TRP C 414 -18.66 -20.98 2.75
N SER C 415 -17.91 -21.72 3.58
CA SER C 415 -18.51 -22.79 4.33
C SER C 415 -19.42 -22.29 5.44
N LYS C 416 -19.32 -21.01 5.81
CA LYS C 416 -20.07 -20.49 6.93
C LYS C 416 -20.88 -19.24 6.63
N HIS C 417 -20.92 -18.76 5.39
CA HIS C 417 -21.56 -17.48 5.15
C HIS C 417 -22.35 -17.52 3.85
N ASN C 418 -23.54 -16.91 3.88
CA ASN C 418 -24.39 -16.77 2.71
C ASN C 418 -24.37 -15.34 2.22
N LEU C 419 -24.47 -15.19 0.91
CA LEU C 419 -24.56 -13.88 0.27
C LEU C 419 -25.41 -14.04 -0.97
N THR C 420 -26.20 -13.01 -1.28
CA THR C 420 -27.13 -13.08 -2.40
C THR C 420 -27.21 -11.73 -3.10
N THR C 421 -27.03 -11.71 -4.41
CA THR C 421 -27.25 -10.52 -5.22
C THR C 421 -28.55 -10.67 -5.99
N THR C 422 -29.48 -9.75 -5.74
CA THR C 422 -30.79 -9.80 -6.38
C THR C 422 -30.68 -9.54 -7.87
N GLN C 423 -29.98 -8.50 -8.26
CA GLN C 423 -29.74 -8.22 -9.66
C GLN C 423 -28.37 -7.58 -9.81
N GLY C 424 -27.78 -7.77 -10.98
CA GLY C 424 -26.47 -7.22 -11.23
C GLY C 424 -25.40 -8.28 -11.30
N LYS C 425 -24.19 -7.82 -11.54
CA LYS C 425 -23.06 -8.64 -11.94
C LYS C 425 -21.94 -8.58 -10.91
N LEU C 426 -20.82 -9.22 -11.25
CA LEU C 426 -19.64 -9.29 -10.40
C LEU C 426 -18.41 -8.80 -11.18
N PHE C 427 -17.56 -8.06 -10.48
CA PHE C 427 -16.39 -7.39 -11.06
C PHE C 427 -15.19 -7.78 -10.24
N PHE C 428 -14.20 -8.41 -10.88
CA PHE C 428 -12.99 -8.82 -10.16
C PHE C 428 -11.75 -8.63 -11.04
N HIS C 429 -11.08 -7.49 -10.86
CA HIS C 429 -9.84 -7.18 -11.54
C HIS C 429 -8.75 -6.78 -10.55
N TYR C 430 -7.52 -7.14 -10.91
CA TYR C 430 -6.29 -6.78 -10.21
C TYR C 430 -6.33 -7.21 -8.76
N ASN C 431 -6.50 -8.51 -8.57
CA ASN C 431 -6.61 -9.10 -7.26
C ASN C 431 -5.64 -10.27 -7.24
N PRO C 432 -4.34 -10.00 -7.03
CA PRO C 432 -3.36 -11.07 -7.16
C PRO C 432 -3.34 -12.04 -6.00
N LYS C 433 -3.67 -11.62 -4.79
CA LYS C 433 -3.64 -12.54 -3.66
C LYS C 433 -4.94 -13.31 -3.48
N LEU C 434 -6.01 -12.96 -4.21
CA LEU C 434 -7.30 -13.61 -4.09
C LEU C 434 -7.42 -14.67 -5.15
N CYS C 435 -7.53 -15.93 -4.74
CA CYS C 435 -7.66 -17.03 -5.68
C CYS C 435 -8.96 -16.96 -6.45
N LEU C 436 -8.97 -17.55 -7.64
CA LEU C 436 -10.20 -17.67 -8.40
C LEU C 436 -11.18 -18.66 -7.78
N SER C 437 -10.73 -19.50 -6.85
CA SER C 437 -11.64 -20.40 -6.16
C SER C 437 -12.65 -19.62 -5.33
N GLU C 438 -12.18 -18.59 -4.61
CA GLU C 438 -13.07 -17.78 -3.78
C GLU C 438 -14.07 -17.02 -4.63
N ILE C 439 -13.62 -16.52 -5.78
CA ILE C 439 -14.51 -15.77 -6.68
C ILE C 439 -15.52 -16.71 -7.32
N HIS C 440 -15.08 -17.90 -7.72
CA HIS C 440 -15.97 -18.87 -8.32
C HIS C 440 -17.03 -19.34 -7.34
N LYS C 441 -16.64 -19.59 -6.10
CA LYS C 441 -17.62 -19.90 -5.07
C LYS C 441 -18.55 -18.72 -4.82
N MET C 442 -18.07 -17.48 -4.96
CA MET C 442 -18.96 -16.33 -4.80
C MET C 442 -20.02 -16.29 -5.89
N GLU C 443 -19.61 -16.59 -7.12
CA GLU C 443 -20.56 -16.60 -8.21
C GLU C 443 -21.56 -17.74 -8.05
N GLU C 444 -21.12 -18.86 -7.47
CA GLU C 444 -22.05 -19.95 -7.20
C GLU C 444 -23.01 -19.63 -6.08
N VAL C 445 -22.52 -19.02 -4.99
CA VAL C 445 -23.34 -18.80 -3.81
C VAL C 445 -24.27 -17.60 -3.99
N SER C 446 -23.82 -16.56 -4.68
CA SER C 446 -24.58 -15.30 -4.72
C SER C 446 -25.84 -15.38 -5.56
N GLY C 447 -26.01 -16.43 -6.36
CA GLY C 447 -27.18 -16.52 -7.19
C GLY C 447 -26.98 -15.82 -8.51
N THR C 448 -25.88 -16.13 -9.17
CA THR C 448 -25.48 -15.43 -10.37
C THR C 448 -24.84 -16.38 -11.38
N ARG C 451 -28.56 -18.52 -12.81
CA ARG C 451 -28.21 -17.43 -13.70
C ARG C 451 -26.84 -17.62 -14.31
N GLN C 452 -26.54 -16.84 -15.35
CA GLN C 452 -25.20 -16.77 -15.91
C GLN C 452 -24.63 -15.35 -15.85
N GLU C 453 -25.40 -14.37 -16.31
CA GLU C 453 -25.26 -12.94 -16.06
C GLU C 453 -24.04 -12.26 -16.67
N ARG C 454 -23.09 -13.00 -17.27
CA ARG C 454 -21.92 -12.45 -17.98
C ARG C 454 -21.05 -11.55 -17.09
N ASN C 455 -20.43 -12.16 -16.09
CA ASN C 455 -19.62 -11.43 -15.14
C ASN C 455 -18.20 -11.25 -15.68
N ASP C 456 -17.71 -10.01 -15.66
CA ASP C 456 -16.31 -9.80 -16.01
C ASP C 456 -15.44 -10.17 -14.81
N ILE C 457 -14.87 -11.36 -14.87
CA ILE C 457 -13.97 -11.83 -13.85
C ILE C 457 -12.69 -12.18 -14.59
N ALA C 458 -11.72 -11.28 -14.51
CA ALA C 458 -10.55 -11.36 -15.37
C ALA C 458 -9.67 -12.52 -14.93
N LEU C 459 -9.41 -13.41 -15.87
CA LEU C 459 -8.80 -14.68 -15.58
C LEU C 459 -7.32 -14.57 -15.30
N LYS C 460 -6.66 -13.54 -15.79
CA LYS C 460 -5.23 -13.43 -15.73
C LYS C 460 -4.73 -12.39 -14.76
N THR C 461 -5.61 -11.58 -14.18
CA THR C 461 -5.23 -10.56 -13.22
C THR C 461 -5.76 -10.87 -11.84
N ASN C 462 -6.35 -12.06 -11.66
CA ASN C 462 -6.92 -12.52 -10.41
C ASN C 462 -6.15 -13.76 -9.97
N GLY C 463 -5.65 -13.74 -8.73
CA GLY C 463 -4.96 -14.89 -8.20
C GLY C 463 -3.57 -15.14 -8.74
N ASP C 464 -2.87 -14.09 -9.18
CA ASP C 464 -1.57 -14.28 -9.78
C ASP C 464 -0.48 -14.55 -8.76
N LYS C 465 -0.63 -14.04 -7.55
CA LYS C 465 0.46 -14.04 -6.58
C LYS C 465 0.07 -14.77 -5.32
N ALA C 466 -0.71 -15.83 -5.45
CA ALA C 466 -1.04 -16.70 -4.32
C ALA C 466 -1.16 -18.13 -4.82
N SER C 467 -0.84 -19.08 -3.95
CA SER C 467 -0.98 -20.48 -4.29
C SER C 467 -2.46 -20.85 -4.33
N CYS C 468 -2.94 -21.25 -5.48
CA CYS C 468 -4.37 -21.47 -5.70
C CYS C 468 -4.63 -22.86 -6.25
N GLU C 469 -4.00 -23.87 -5.63
CA GLU C 469 -4.24 -25.26 -5.98
C GLU C 469 -4.84 -25.96 -4.78
N ASN C 470 -5.98 -26.60 -4.99
CA ASN C 470 -6.68 -27.33 -3.93
C ASN C 470 -6.23 -28.79 -3.86
N GLU C 471 -6.17 -29.47 -5.00
CA GLU C 471 -5.74 -30.85 -5.07
C GLU C 471 -4.24 -30.94 -4.84
N LEU C 472 -3.73 -32.15 -4.61
CA LEU C 472 -2.32 -32.26 -4.28
C LEU C 472 -1.63 -33.39 -5.02
N LEU C 473 -0.31 -33.27 -5.11
CA LEU C 473 0.58 -34.24 -5.73
C LEU C 473 1.46 -34.87 -4.66
N LYS C 474 2.06 -36.01 -5.01
CA LYS C 474 3.02 -36.68 -4.16
C LYS C 474 4.14 -37.23 -5.01
N PHE C 475 5.34 -37.23 -4.46
CA PHE C 475 6.46 -37.88 -5.11
C PHE C 475 6.38 -39.38 -4.92
N SER C 476 6.83 -40.12 -5.92
CA SER C 476 6.92 -41.56 -5.82
C SER C 476 8.35 -42.05 -5.69
N TYR C 477 9.21 -41.67 -6.62
CA TYR C 477 10.56 -42.23 -6.70
C TYR C 477 11.59 -41.13 -6.51
N ILE C 478 12.60 -41.41 -5.69
CA ILE C 478 13.66 -40.46 -5.35
C ILE C 478 14.99 -41.20 -5.46
N ARG C 479 15.92 -40.65 -6.22
CA ARG C 479 17.26 -41.24 -6.36
C ARG C 479 18.28 -40.13 -6.14
N THR C 480 19.03 -40.21 -5.06
CA THR C 480 20.06 -39.23 -4.77
C THR C 480 21.40 -39.67 -5.35
N SER C 481 22.36 -38.76 -5.33
CA SER C 481 23.72 -39.04 -5.79
C SER C 481 24.65 -38.02 -5.15
N PHE C 482 25.87 -37.95 -5.66
CA PHE C 482 26.77 -36.89 -5.24
C PHE C 482 26.38 -35.57 -5.90
N ASP C 483 25.93 -35.61 -7.14
CA ASP C 483 25.47 -34.40 -7.82
C ASP C 483 24.02 -34.44 -8.25
N LYS C 484 23.59 -35.48 -8.95
CA LYS C 484 22.29 -35.48 -9.59
C LYS C 484 21.23 -35.98 -8.64
N ILE C 485 19.98 -35.63 -8.91
CA ILE C 485 18.83 -36.19 -8.19
C ILE C 485 17.74 -36.53 -9.21
N LEU C 486 17.29 -37.77 -9.24
CA LEU C 486 16.17 -38.16 -10.06
C LEU C 486 14.92 -38.15 -9.21
N LEU C 487 13.84 -37.57 -9.74
CA LEU C 487 12.56 -37.56 -9.05
C LEU C 487 11.46 -38.01 -10.00
N ARG C 488 10.48 -38.71 -9.45
CA ARG C 488 9.27 -39.08 -10.16
C ARG C 488 8.10 -38.88 -9.22
N TRP C 489 7.09 -38.16 -9.69
CA TRP C 489 5.90 -37.91 -8.89
C TRP C 489 4.68 -38.48 -9.62
N GLU C 490 3.62 -38.71 -8.87
CA GLU C 490 2.48 -39.45 -9.40
C GLU C 490 1.64 -38.56 -10.31
N PRO C 491 1.23 -39.07 -11.47
CA PRO C 491 0.79 -38.19 -12.55
C PRO C 491 -0.56 -37.54 -12.29
N TYR C 492 -0.63 -36.25 -12.60
CA TYR C 492 -1.87 -35.49 -12.54
C TYR C 492 -2.43 -35.36 -13.94
N TRP C 493 -3.75 -35.46 -14.06
CA TRP C 493 -4.42 -35.17 -15.30
C TRP C 493 -5.72 -34.48 -14.94
N PRO C 494 -6.00 -33.33 -15.53
CA PRO C 494 -7.24 -32.60 -15.23
C PRO C 494 -8.43 -33.34 -15.83
N PRO C 495 -9.66 -32.97 -15.46
CA PRO C 495 -10.83 -33.57 -16.13
C PRO C 495 -10.94 -33.22 -17.61
N ASP C 496 -10.24 -32.21 -18.09
CA ASP C 496 -9.92 -32.05 -19.50
C ASP C 496 -8.40 -31.95 -19.57
N PHE C 497 -7.75 -32.93 -20.19
CA PHE C 497 -6.29 -32.93 -20.21
C PHE C 497 -5.72 -31.94 -21.21
N ARG C 498 -6.56 -31.24 -21.97
CA ARG C 498 -6.06 -30.12 -22.75
C ARG C 498 -5.71 -28.95 -21.86
N ASP C 499 -6.35 -28.84 -20.70
CA ASP C 499 -6.07 -27.75 -19.78
C ASP C 499 -4.98 -28.12 -18.79
N LEU C 500 -3.86 -28.64 -19.29
CA LEU C 500 -2.69 -28.89 -18.47
C LEU C 500 -1.48 -28.44 -19.27
N LEU C 501 -0.88 -27.32 -18.87
CA LEU C 501 0.23 -26.78 -19.64
C LEU C 501 1.53 -27.51 -19.33
N GLY C 502 1.80 -27.78 -18.06
CA GLY C 502 3.06 -28.42 -17.71
C GLY C 502 3.19 -28.47 -16.20
N PHE C 503 4.40 -28.72 -15.74
CA PHE C 503 4.71 -28.70 -14.33
C PHE C 503 5.77 -27.65 -14.05
N MET C 504 5.83 -27.26 -12.79
CA MET C 504 6.78 -26.27 -12.30
C MET C 504 7.48 -26.91 -11.12
N LEU C 505 8.65 -27.47 -11.36
CA LEU C 505 9.42 -28.11 -10.31
C LEU C 505 10.27 -27.04 -9.64
N PHE C 506 10.12 -26.87 -8.35
CA PHE C 506 10.91 -25.89 -7.63
C PHE C 506 11.92 -26.63 -6.78
N TYR C 507 13.14 -26.11 -6.74
CA TYR C 507 14.10 -26.57 -5.74
C TYR C 507 14.99 -25.43 -5.31
N LYS C 508 15.36 -25.44 -4.04
CA LYS C 508 16.41 -24.56 -3.56
C LYS C 508 17.26 -25.35 -2.59
N GLU C 509 18.32 -24.72 -2.11
CA GLU C 509 19.22 -25.34 -1.16
C GLU C 509 18.84 -24.88 0.24
N ALA C 510 18.78 -25.81 1.17
CA ALA C 510 18.30 -25.48 2.50
C ALA C 510 19.08 -26.23 3.57
N PRO C 511 19.92 -25.56 4.34
CA PRO C 511 20.64 -26.26 5.41
C PRO C 511 19.74 -26.67 6.57
N TYR C 512 18.64 -25.95 6.80
CA TYR C 512 17.68 -26.34 7.79
C TYR C 512 16.43 -26.87 7.10
N GLN C 513 15.41 -27.16 7.90
CA GLN C 513 14.11 -27.54 7.35
C GLN C 513 13.02 -26.55 7.74
N ASN C 514 13.41 -25.36 8.17
CA ASN C 514 12.42 -24.31 8.43
C ASN C 514 12.18 -23.45 7.19
N VAL C 515 11.91 -24.11 6.06
CA VAL C 515 11.62 -23.43 4.80
C VAL C 515 10.12 -23.32 4.65
N THR C 516 9.62 -22.08 4.61
CA THR C 516 8.21 -21.85 4.43
C THR C 516 7.80 -22.19 3.00
N GLU C 517 6.50 -22.36 2.80
CA GLU C 517 5.96 -22.72 1.50
C GLU C 517 6.03 -21.53 0.55
N PHE C 518 6.04 -21.84 -0.74
CA PHE C 518 5.98 -20.82 -1.77
C PHE C 518 4.63 -20.12 -1.74
N ASP C 519 4.65 -18.84 -2.09
CA ASP C 519 3.48 -18.00 -1.93
C ASP C 519 3.02 -17.29 -3.20
N GLY C 520 3.69 -17.48 -4.34
CA GLY C 520 3.18 -16.92 -5.57
C GLY C 520 4.02 -15.81 -6.16
N GLN C 521 4.63 -15.00 -5.30
CA GLN C 521 5.54 -13.96 -5.77
C GLN C 521 6.84 -14.59 -6.25
N ASP C 522 7.38 -14.05 -7.32
CA ASP C 522 8.52 -14.66 -7.97
C ASP C 522 9.80 -13.96 -7.54
N ALA C 523 10.91 -14.66 -7.71
CA ALA C 523 12.21 -14.10 -7.39
C ALA C 523 13.26 -14.85 -8.17
N CYS C 524 14.43 -14.23 -8.29
CA CYS C 524 15.54 -14.86 -8.97
C CYS C 524 16.88 -14.61 -8.29
N GLY C 525 16.96 -13.79 -7.25
CA GLY C 525 18.26 -13.37 -6.78
C GLY C 525 19.14 -14.34 -6.02
N SER C 526 18.90 -14.53 -4.73
CA SER C 526 19.84 -15.38 -4.00
C SER C 526 19.17 -16.42 -3.12
N ASN C 527 18.11 -16.05 -2.42
CA ASN C 527 17.31 -17.01 -1.67
C ASN C 527 16.07 -17.37 -2.48
N SER C 528 16.33 -17.87 -3.67
CA SER C 528 15.32 -17.94 -4.71
C SER C 528 15.14 -19.38 -5.19
N TRP C 529 13.88 -19.78 -5.30
CA TRP C 529 13.51 -21.07 -5.82
C TRP C 529 13.96 -21.20 -7.26
N THR C 530 14.90 -22.09 -7.52
CA THR C 530 15.22 -22.42 -8.89
C THR C 530 14.07 -23.21 -9.49
N VAL C 531 13.52 -22.70 -10.58
CA VAL C 531 12.27 -23.21 -11.13
C VAL C 531 12.57 -23.88 -12.46
N VAL C 532 12.07 -25.08 -12.64
CA VAL C 532 12.23 -25.80 -13.89
C VAL C 532 10.84 -26.03 -14.46
N ASP C 533 10.67 -25.72 -15.73
CA ASP C 533 9.40 -25.94 -16.42
C ASP C 533 9.45 -27.28 -17.15
N ILE C 534 8.39 -28.07 -17.01
CA ILE C 534 8.37 -29.46 -17.44
C ILE C 534 7.15 -29.67 -18.34
N ASP C 535 7.35 -30.25 -19.51
CA ASP C 535 6.22 -30.61 -20.34
C ASP C 535 5.49 -31.83 -19.76
N PRO C 536 4.18 -31.94 -19.95
CA PRO C 536 3.46 -33.09 -19.43
C PRO C 536 3.83 -34.33 -20.21
N PRO C 537 3.70 -35.51 -19.61
CA PRO C 537 4.03 -36.74 -20.33
C PRO C 537 2.99 -37.06 -21.38
N LEU C 538 3.34 -37.98 -22.26
CA LEU C 538 2.42 -38.43 -23.30
C LEU C 538 1.29 -39.22 -22.67
N ARG C 539 0.06 -38.94 -23.08
CA ARG C 539 -1.11 -39.55 -22.45
C ARG C 539 -1.26 -40.95 -23.02
N SER C 540 -0.90 -41.95 -22.22
CA SER C 540 -0.75 -43.32 -22.69
C SER C 540 -2.06 -44.08 -22.83
N ASN C 541 -3.16 -43.55 -22.29
CA ASN C 541 -4.50 -44.16 -22.27
C ASN C 541 -4.47 -45.52 -21.55
N ASP C 542 -3.56 -45.67 -20.59
CA ASP C 542 -3.47 -46.83 -19.72
C ASP C 542 -3.35 -46.30 -18.29
N PRO C 543 -4.11 -46.84 -17.34
CA PRO C 543 -4.00 -46.35 -15.96
C PRO C 543 -2.67 -46.71 -15.31
N LYS C 544 -2.05 -47.81 -15.73
CA LYS C 544 -0.74 -48.25 -15.22
C LYS C 544 0.18 -48.39 -16.42
N SER C 545 1.04 -47.40 -16.63
CA SER C 545 1.92 -47.39 -17.79
C SER C 545 3.19 -46.62 -17.42
N GLN C 546 3.93 -46.20 -18.44
CA GLN C 546 5.15 -45.40 -18.31
C GLN C 546 4.88 -43.98 -17.82
N ASN C 547 3.60 -43.56 -17.80
CA ASN C 547 3.19 -42.16 -17.72
C ASN C 547 3.58 -41.36 -16.48
N HIS C 548 4.31 -41.95 -15.53
CA HIS C 548 4.84 -41.21 -14.39
C HIS C 548 5.81 -40.13 -14.85
N PRO C 549 5.56 -38.86 -14.54
CA PRO C 549 6.52 -37.81 -14.88
C PRO C 549 7.60 -37.69 -13.81
N GLY C 550 8.75 -37.21 -14.25
CA GLY C 550 9.88 -37.00 -13.37
C GLY C 550 10.89 -36.06 -14.00
N TRP C 551 11.98 -35.84 -13.29
CA TRP C 551 13.02 -34.92 -13.75
C TRP C 551 14.34 -35.25 -13.08
N LEU C 552 15.43 -34.99 -13.82
CA LEU C 552 16.79 -35.18 -13.33
C LEU C 552 17.42 -33.82 -13.06
N MET C 553 17.88 -33.61 -11.82
CA MET C 553 18.58 -32.41 -11.41
C MET C 553 20.07 -32.64 -11.57
N ARG C 554 20.69 -31.86 -12.47
CA ARG C 554 22.09 -32.13 -12.84
C ARG C 554 23.08 -31.51 -11.87
N GLY C 555 23.14 -30.19 -11.84
CA GLY C 555 24.28 -29.50 -11.24
C GLY C 555 24.13 -29.10 -9.80
N LEU C 556 24.14 -30.07 -8.89
CA LEU C 556 23.89 -29.81 -7.48
C LEU C 556 25.12 -30.21 -6.68
N LYS C 557 25.22 -29.68 -5.49
CA LYS C 557 26.50 -29.88 -4.81
C LYS C 557 26.38 -30.93 -3.71
N PRO C 558 27.44 -31.70 -3.45
CA PRO C 558 27.31 -32.86 -2.55
C PRO C 558 27.25 -32.48 -1.08
N TRP C 559 26.67 -33.41 -0.32
CA TRP C 559 26.54 -33.33 1.14
C TRP C 559 25.74 -32.09 1.55
N THR C 560 24.74 -31.76 0.74
CA THR C 560 23.89 -30.62 0.99
C THR C 560 22.43 -31.01 0.85
N GLN C 561 21.58 -30.26 1.52
CA GLN C 561 20.17 -30.56 1.62
C GLN C 561 19.36 -29.57 0.81
N TYR C 562 18.54 -30.10 -0.10
CA TYR C 562 17.71 -29.30 -1.00
C TYR C 562 16.26 -29.46 -0.61
N ALA C 563 15.54 -28.36 -0.56
CA ALA C 563 14.10 -28.36 -0.37
C ALA C 563 13.46 -28.33 -1.74
N ILE C 564 12.57 -29.28 -2.02
CA ILE C 564 12.04 -29.53 -3.36
C ILE C 564 10.52 -29.59 -3.27
N PHE C 565 9.81 -29.08 -4.28
CA PHE C 565 8.44 -29.55 -4.56
C PHE C 565 8.10 -29.33 -6.03
N VAL C 566 6.84 -29.57 -6.38
CA VAL C 566 6.32 -29.55 -7.75
C VAL C 566 4.93 -28.92 -7.72
N LYS C 567 4.64 -28.05 -8.68
CA LYS C 567 3.31 -27.48 -8.87
C LYS C 567 2.88 -27.77 -10.31
N THR C 568 1.59 -27.69 -10.60
CA THR C 568 1.16 -27.89 -11.97
C THR C 568 1.07 -26.56 -12.71
N LEU C 569 0.58 -26.62 -13.94
CA LEU C 569 0.44 -25.43 -14.77
C LEU C 569 -0.67 -25.73 -15.76
N VAL C 570 -1.77 -24.99 -15.65
CA VAL C 570 -3.03 -25.29 -16.32
C VAL C 570 -3.52 -24.05 -17.04
N THR C 571 -4.54 -24.22 -17.86
CA THR C 571 -5.17 -23.15 -18.60
C THR C 571 -6.55 -22.89 -18.02
N PHE C 572 -6.77 -21.67 -17.52
CA PHE C 572 -8.08 -21.32 -16.98
C PHE C 572 -9.09 -21.17 -18.11
N SER C 573 -10.36 -21.09 -17.72
CA SER C 573 -11.46 -20.88 -18.66
C SER C 573 -12.65 -20.37 -17.87
N ASP C 574 -13.73 -20.06 -18.58
CA ASP C 574 -14.97 -19.64 -17.93
C ASP C 574 -15.61 -20.82 -17.21
N GLU C 575 -15.34 -22.05 -17.66
CA GLU C 575 -15.62 -23.20 -16.83
C GLU C 575 -14.82 -23.09 -15.54
N ARG C 576 -15.46 -23.45 -14.43
CA ARG C 576 -14.92 -23.14 -13.12
C ARG C 576 -14.00 -24.22 -12.60
N ARG C 577 -13.30 -24.91 -13.48
CA ARG C 577 -12.55 -26.09 -13.13
C ARG C 577 -11.07 -25.85 -13.40
N THR C 578 -10.30 -26.94 -13.35
CA THR C 578 -8.84 -27.05 -13.51
C THR C 578 -8.08 -25.99 -12.69
N TYR C 579 -8.17 -26.17 -11.37
CA TYR C 579 -7.38 -25.38 -10.45
C TYR C 579 -5.99 -25.95 -10.19
N GLY C 580 -5.64 -27.09 -10.77
CA GLY C 580 -4.30 -27.63 -10.67
C GLY C 580 -3.99 -28.25 -9.33
N ALA C 581 -2.85 -28.96 -9.26
CA ALA C 581 -2.45 -29.68 -8.06
C ALA C 581 -1.10 -29.21 -7.56
N LYS C 582 -0.94 -29.23 -6.24
CA LYS C 582 0.26 -28.73 -5.58
C LYS C 582 0.80 -29.77 -4.61
N SER C 583 2.06 -30.17 -4.79
CA SER C 583 2.65 -31.15 -3.88
C SER C 583 3.06 -30.49 -2.57
N ASP C 584 3.86 -31.19 -1.78
CA ASP C 584 4.33 -30.69 -0.52
C ASP C 584 5.84 -30.61 -0.55
N ILE C 585 6.40 -29.86 0.40
CA ILE C 585 7.84 -29.66 0.47
C ILE C 585 8.50 -30.93 0.99
N ILE C 586 9.42 -31.49 0.21
CA ILE C 586 10.25 -32.57 0.70
C ILE C 586 11.66 -32.03 0.87
N TYR C 587 12.47 -32.81 1.55
CA TYR C 587 13.83 -32.42 1.90
C TYR C 587 14.75 -33.57 1.54
N VAL C 588 15.78 -33.30 0.74
CA VAL C 588 16.64 -34.34 0.20
C VAL C 588 18.09 -34.03 0.57
N GLN C 589 18.77 -35.00 1.16
CA GLN C 589 20.19 -34.90 1.44
C GLN C 589 20.94 -35.62 0.33
N THR C 590 21.76 -34.89 -0.42
CA THR C 590 22.54 -35.56 -1.44
C THR C 590 23.70 -36.33 -0.80
N ASP C 591 24.23 -37.28 -1.55
CA ASP C 591 25.35 -38.07 -1.08
C ASP C 591 26.62 -37.22 -1.11
N ALA C 592 27.52 -37.52 -0.19
CA ALA C 592 28.79 -36.83 -0.10
C ALA C 592 29.79 -37.45 -1.07
N THR C 593 31.06 -37.04 -0.94
CA THR C 593 32.15 -37.52 -1.77
C THR C 593 33.46 -37.27 -1.03
N ASN C 594 34.57 -37.31 -1.77
CA ASN C 594 35.92 -37.02 -1.28
C ASN C 594 36.05 -35.72 -0.47
N LYS D 310 26.53 -19.37 -40.65
CA LYS D 310 26.26 -20.55 -39.84
C LYS D 310 24.77 -20.75 -39.60
N VAL D 311 24.19 -21.68 -40.35
CA VAL D 311 22.80 -22.07 -40.12
C VAL D 311 22.77 -23.09 -39.00
N CYS D 312 21.85 -22.91 -38.06
CA CYS D 312 21.69 -23.86 -36.96
C CYS D 312 20.27 -24.40 -37.02
N HIS D 313 20.11 -25.58 -37.63
CA HIS D 313 18.83 -26.26 -37.65
C HIS D 313 18.46 -26.71 -36.25
N LEU D 314 17.15 -26.77 -36.00
CA LEU D 314 16.61 -27.17 -34.72
C LEU D 314 15.87 -28.48 -34.85
N LEU D 315 16.21 -29.43 -33.98
CA LEU D 315 15.47 -30.68 -33.94
C LEU D 315 14.13 -30.44 -33.26
N GLU D 316 13.09 -31.06 -33.83
CA GLU D 316 11.68 -30.92 -33.41
C GLU D 316 11.20 -29.47 -33.52
N GLY D 317 11.78 -28.68 -34.41
CA GLY D 317 11.29 -27.35 -34.70
C GLY D 317 11.54 -26.34 -33.61
N GLU D 318 10.87 -26.51 -32.47
CA GLU D 318 10.99 -25.57 -31.39
C GLU D 318 12.31 -25.75 -30.66
N LYS D 319 12.64 -24.76 -29.84
CA LYS D 319 13.83 -24.82 -28.99
C LYS D 319 13.54 -23.94 -27.78
N THR D 320 13.14 -24.56 -26.69
CA THR D 320 12.94 -23.84 -25.45
C THR D 320 14.28 -23.51 -24.84
N ILE D 321 14.48 -22.25 -24.49
CA ILE D 321 15.66 -21.82 -23.77
C ILE D 321 15.20 -21.42 -22.38
N ASP D 322 15.82 -21.96 -21.35
CA ASP D 322 15.44 -21.59 -20.00
C ASP D 322 16.62 -21.30 -19.09
N SER D 323 17.83 -21.24 -19.63
CA SER D 323 19.00 -20.97 -18.82
C SER D 323 20.10 -20.46 -19.75
N VAL D 324 21.30 -20.31 -19.19
CA VAL D 324 22.45 -19.99 -20.02
C VAL D 324 22.84 -21.18 -20.86
N THR D 325 22.75 -22.38 -20.28
CA THR D 325 23.25 -23.59 -20.91
C THR D 325 22.41 -23.97 -22.12
N SER D 326 21.09 -23.76 -22.03
CA SER D 326 20.18 -24.04 -23.13
C SER D 326 20.44 -23.15 -24.34
N ALA D 327 21.15 -22.05 -24.15
CA ALA D 327 21.56 -21.19 -25.24
C ALA D 327 22.94 -21.52 -25.78
N GLN D 328 23.76 -22.26 -25.04
CA GLN D 328 25.13 -22.52 -25.47
C GLN D 328 25.22 -23.54 -26.59
N GLU D 329 24.10 -24.10 -27.00
CA GLU D 329 23.99 -24.85 -28.25
C GLU D 329 23.72 -23.94 -29.43
N LEU D 330 23.95 -22.64 -29.27
CA LEU D 330 23.53 -21.65 -30.24
C LEU D 330 24.62 -20.64 -30.54
N ARG D 331 25.83 -20.84 -30.03
CA ARG D 331 26.87 -19.84 -30.17
C ARG D 331 27.38 -19.79 -31.59
N GLY D 332 27.57 -18.58 -32.09
CA GLY D 332 28.05 -18.40 -33.44
C GLY D 332 26.99 -18.59 -34.52
N CYS D 333 25.77 -18.95 -34.16
CA CYS D 333 24.72 -19.13 -35.14
C CYS D 333 24.32 -17.78 -35.72
N THR D 334 24.28 -17.69 -37.05
CA THR D 334 23.81 -16.49 -37.71
C THR D 334 22.32 -16.57 -38.01
N VAL D 335 21.89 -17.63 -38.68
CA VAL D 335 20.49 -17.84 -39.01
C VAL D 335 20.04 -19.10 -38.28
N ILE D 336 19.03 -18.96 -37.43
CA ILE D 336 18.38 -20.11 -36.82
C ILE D 336 17.23 -20.55 -37.71
N ASN D 337 17.29 -21.78 -38.19
CA ASN D 337 16.16 -22.39 -38.87
C ASN D 337 15.33 -23.07 -37.79
N GLY D 338 14.18 -22.49 -37.49
CA GLY D 338 13.29 -23.02 -36.49
C GLY D 338 12.57 -21.90 -35.79
N SER D 339 11.92 -22.23 -34.70
CA SER D 339 11.29 -21.25 -33.85
C SER D 339 11.98 -21.26 -32.49
N LEU D 340 11.82 -20.17 -31.75
CA LEU D 340 12.36 -20.11 -30.40
C LEU D 340 11.25 -19.77 -29.43
N ILE D 341 11.28 -20.42 -28.29
CA ILE D 341 10.41 -20.07 -27.18
C ILE D 341 11.35 -19.80 -26.00
N ILE D 342 11.75 -18.55 -25.84
CA ILE D 342 12.52 -18.16 -24.68
C ILE D 342 11.60 -18.20 -23.48
N ASN D 343 11.95 -18.99 -22.48
CA ASN D 343 11.18 -19.04 -21.25
C ASN D 343 12.19 -19.02 -20.12
N ILE D 344 12.64 -17.84 -19.73
CA ILE D 344 13.68 -17.71 -18.73
C ILE D 344 13.06 -17.21 -17.43
N ARG D 345 13.21 -17.98 -16.38
CA ARG D 345 12.60 -17.63 -15.11
C ARG D 345 13.62 -17.16 -14.08
N GLY D 346 14.90 -17.19 -14.42
CA GLY D 346 15.92 -16.81 -13.47
C GLY D 346 17.28 -17.16 -14.04
N GLY D 347 18.31 -16.87 -13.24
CA GLY D 347 19.66 -17.18 -13.66
C GLY D 347 20.66 -16.33 -12.92
N ASN D 348 21.86 -16.24 -13.50
CA ASN D 348 22.98 -15.57 -12.86
C ASN D 348 23.84 -14.93 -13.94
N ASN D 349 24.01 -13.60 -13.85
CA ASN D 349 24.78 -12.78 -14.79
C ASN D 349 24.26 -13.00 -16.21
N LEU D 350 22.95 -12.89 -16.35
CA LEU D 350 22.28 -13.53 -17.47
C LEU D 350 22.43 -12.74 -18.76
N ALA D 351 22.67 -11.43 -18.64
CA ALA D 351 22.62 -10.53 -19.79
C ALA D 351 23.78 -10.77 -20.73
N ALA D 352 25.00 -10.65 -20.22
CA ALA D 352 26.19 -10.84 -21.04
C ALA D 352 26.30 -12.26 -21.53
N GLU D 353 25.78 -13.22 -20.77
CA GLU D 353 25.82 -14.61 -21.21
C GLU D 353 24.89 -14.86 -22.37
N LEU D 354 23.67 -14.31 -22.33
CA LEU D 354 22.76 -14.46 -23.47
C LEU D 354 23.26 -13.69 -24.68
N GLU D 355 23.95 -12.56 -24.45
CA GLU D 355 24.57 -11.84 -25.56
C GLU D 355 25.68 -12.66 -26.18
N ALA D 356 26.47 -13.34 -25.35
CA ALA D 356 27.58 -14.14 -25.85
C ALA D 356 27.09 -15.38 -26.57
N ASN D 357 25.95 -15.91 -26.14
CA ASN D 357 25.46 -17.16 -26.72
C ASN D 357 24.61 -16.93 -27.97
N LEU D 358 23.73 -15.95 -27.95
CA LEU D 358 22.87 -15.77 -29.12
C LEU D 358 22.71 -14.31 -29.50
N GLY D 359 23.73 -13.49 -29.23
CA GLY D 359 23.71 -12.15 -29.76
C GLY D 359 23.90 -12.08 -31.25
N LEU D 360 24.52 -13.10 -31.83
CA LEU D 360 24.84 -13.13 -33.24
C LEU D 360 23.69 -13.65 -34.10
N ILE D 361 22.50 -13.83 -33.52
CA ILE D 361 21.38 -14.34 -34.30
C ILE D 361 20.89 -13.24 -35.23
N GLU D 362 20.86 -13.55 -36.52
CA GLU D 362 20.39 -12.54 -37.46
C GLU D 362 18.97 -12.80 -37.92
N GLU D 363 18.68 -14.01 -38.39
CA GLU D 363 17.38 -14.33 -38.95
C GLU D 363 16.84 -15.59 -38.32
N ILE D 364 15.54 -15.58 -38.01
CA ILE D 364 14.84 -16.73 -37.46
C ILE D 364 13.71 -17.10 -38.41
N SER D 365 13.73 -18.34 -38.90
CA SER D 365 12.82 -18.71 -39.97
C SER D 365 11.41 -18.90 -39.46
N GLY D 366 11.25 -19.42 -38.25
CA GLY D 366 9.93 -19.71 -37.75
C GLY D 366 9.28 -18.52 -37.10
N TYR D 367 8.83 -18.67 -35.88
CA TYR D 367 8.29 -17.56 -35.12
C TYR D 367 9.10 -17.41 -33.85
N LEU D 368 8.72 -16.47 -33.01
CA LEU D 368 9.42 -16.26 -31.76
C LEU D 368 8.43 -16.05 -30.64
N LYS D 369 8.81 -16.46 -29.44
CA LYS D 369 7.87 -16.48 -28.34
C LYS D 369 8.61 -16.22 -27.02
N ILE D 370 8.02 -15.37 -26.19
CA ILE D 370 8.53 -14.94 -24.89
C ILE D 370 7.46 -15.34 -23.88
N ARG D 371 7.06 -16.59 -23.94
CA ARG D 371 6.13 -17.13 -22.97
C ARG D 371 6.71 -17.11 -21.57
N ARG D 372 6.11 -16.32 -20.68
CA ARG D 372 6.26 -16.41 -19.23
C ARG D 372 7.68 -16.18 -18.76
N SER D 373 8.51 -15.53 -19.56
CA SER D 373 9.90 -15.37 -19.20
C SER D 373 10.05 -14.23 -18.21
N TYR D 374 10.57 -14.53 -17.02
CA TYR D 374 10.55 -13.59 -15.92
C TYR D 374 11.83 -12.79 -15.79
N ALA D 375 12.99 -13.40 -16.00
CA ALA D 375 14.23 -12.76 -15.58
C ALA D 375 14.65 -11.63 -16.49
N LEU D 376 14.38 -11.76 -17.78
CA LEU D 376 14.93 -10.82 -18.74
C LEU D 376 14.17 -9.50 -18.68
N VAL D 377 14.91 -8.41 -18.88
CA VAL D 377 14.34 -7.07 -18.88
C VAL D 377 14.15 -6.56 -20.30
N SER D 378 15.13 -6.77 -21.16
CA SER D 378 14.97 -6.39 -22.54
C SER D 378 15.33 -7.53 -23.45
N LEU D 379 14.79 -7.46 -24.67
CA LEU D 379 15.20 -8.31 -25.76
C LEU D 379 16.39 -7.74 -26.51
N SER D 380 17.17 -6.86 -25.87
CA SER D 380 18.28 -6.22 -26.53
C SER D 380 19.46 -7.15 -26.76
N PHE D 381 19.48 -8.31 -26.11
CA PHE D 381 20.56 -9.26 -26.37
C PHE D 381 20.46 -9.88 -27.76
N PHE D 382 19.29 -9.90 -28.38
CA PHE D 382 19.18 -10.22 -29.80
C PHE D 382 19.64 -9.00 -30.60
N ARG D 383 20.96 -8.86 -30.77
CA ARG D 383 21.49 -7.61 -31.31
C ARG D 383 21.38 -7.56 -32.82
N LYS D 384 21.75 -8.62 -33.51
CA LYS D 384 21.64 -8.60 -34.97
C LYS D 384 20.32 -9.14 -35.47
N LEU D 385 19.35 -9.37 -34.60
CA LEU D 385 18.07 -9.94 -35.02
C LEU D 385 17.32 -8.89 -35.82
N ARG D 386 17.23 -9.09 -37.13
CA ARG D 386 16.62 -8.12 -38.00
C ARG D 386 15.49 -8.68 -38.84
N LEU D 387 15.31 -10.00 -38.87
CA LEU D 387 14.33 -10.62 -39.74
C LEU D 387 13.75 -11.86 -39.10
N ILE D 388 12.44 -11.95 -39.05
CA ILE D 388 11.72 -13.16 -38.68
C ILE D 388 10.88 -13.57 -39.87
N ARG D 389 11.20 -14.72 -40.47
CA ARG D 389 10.63 -15.06 -41.77
C ARG D 389 9.15 -15.42 -41.68
N GLY D 390 8.70 -15.88 -40.53
CA GLY D 390 7.30 -16.24 -40.37
C GLY D 390 6.91 -17.51 -41.10
N GLU D 391 7.88 -18.41 -41.34
CA GLU D 391 7.58 -19.67 -42.00
C GLU D 391 6.73 -20.55 -41.10
N THR D 392 7.27 -20.95 -39.95
CA THR D 392 6.52 -21.69 -38.96
C THR D 392 5.80 -20.69 -38.08
N LEU D 393 4.52 -20.89 -37.87
CA LEU D 393 3.72 -19.97 -37.06
C LEU D 393 3.13 -20.72 -35.88
N GLU D 394 2.86 -19.98 -34.82
CA GLU D 394 2.04 -20.50 -33.74
C GLU D 394 0.56 -20.40 -34.16
N ILE D 395 -0.31 -21.02 -33.38
CA ILE D 395 -1.74 -20.97 -33.65
C ILE D 395 -2.24 -19.53 -33.49
N GLY D 396 -3.05 -19.09 -34.45
CA GLY D 396 -3.43 -17.71 -34.58
C GLY D 396 -2.68 -16.95 -35.65
N ASN D 397 -1.76 -17.61 -36.36
CA ASN D 397 -0.86 -17.03 -37.36
C ASN D 397 -0.03 -15.89 -36.74
N TYR D 398 0.85 -16.29 -35.82
CA TYR D 398 1.63 -15.38 -35.01
C TYR D 398 3.11 -15.56 -35.28
N SER D 399 3.78 -14.47 -35.64
CA SER D 399 5.22 -14.52 -35.83
C SER D 399 6.01 -14.02 -34.63
N PHE D 400 5.38 -13.29 -33.73
CA PHE D 400 6.00 -12.90 -32.49
C PHE D 400 4.93 -12.96 -31.43
N TYR D 401 5.30 -13.48 -30.27
CA TYR D 401 4.33 -13.81 -29.26
C TYR D 401 5.01 -13.55 -27.93
N ALA D 402 4.33 -12.91 -26.99
CA ALA D 402 4.95 -12.65 -25.71
C ALA D 402 3.88 -12.53 -24.65
N LEU D 403 4.01 -13.27 -23.55
CA LEU D 403 3.03 -13.08 -22.50
C LEU D 403 3.63 -13.38 -21.14
N ASP D 404 3.00 -12.76 -20.13
CA ASP D 404 3.28 -12.97 -18.71
C ASP D 404 4.72 -12.64 -18.37
N ASN D 405 5.22 -11.59 -19.00
CA ASN D 405 6.62 -11.20 -18.90
C ASN D 405 6.73 -10.15 -17.81
N GLN D 406 6.97 -10.61 -16.60
CA GLN D 406 6.82 -9.77 -15.41
C GLN D 406 7.92 -8.72 -15.28
N ASN D 407 8.98 -8.76 -16.08
CA ASN D 407 9.97 -7.69 -16.01
C ASN D 407 10.36 -7.15 -17.37
N LEU D 408 9.67 -7.53 -18.45
CA LEU D 408 10.04 -7.08 -19.79
C LEU D 408 9.69 -5.63 -19.92
N ARG D 409 10.68 -4.75 -19.82
CA ARG D 409 10.45 -3.32 -19.86
C ARG D 409 10.76 -2.70 -21.22
N GLN D 410 11.84 -3.13 -21.86
CA GLN D 410 12.18 -2.69 -23.20
C GLN D 410 11.99 -3.83 -24.16
N LEU D 411 11.35 -3.56 -25.30
CA LEU D 411 11.37 -4.58 -26.33
C LEU D 411 12.67 -4.46 -27.11
N TRP D 412 12.88 -3.33 -27.77
CA TRP D 412 14.10 -3.02 -28.50
C TRP D 412 14.25 -1.51 -28.59
N ASP D 413 15.48 -1.07 -28.85
CA ASP D 413 15.77 0.34 -29.04
C ASP D 413 15.54 0.64 -30.52
N TRP D 414 14.35 1.13 -30.83
CA TRP D 414 13.95 1.25 -32.23
C TRP D 414 14.63 2.40 -32.95
N SER D 415 15.34 3.26 -32.22
CA SER D 415 16.12 4.29 -32.89
C SER D 415 17.33 3.70 -33.61
N LYS D 416 17.82 2.55 -33.15
CA LYS D 416 19.04 1.98 -33.68
C LYS D 416 18.85 0.62 -34.28
N HIS D 417 17.63 0.11 -34.36
CA HIS D 417 17.41 -1.28 -34.68
C HIS D 417 16.29 -1.40 -35.70
N ASN D 418 16.41 -2.37 -36.58
CA ASN D 418 15.49 -2.53 -37.69
C ASN D 418 15.07 -3.98 -37.79
N LEU D 419 13.78 -4.24 -37.69
CA LEU D 419 13.22 -5.58 -37.68
C LEU D 419 12.22 -5.71 -38.83
N THR D 420 12.31 -6.81 -39.57
CA THR D 420 11.33 -7.10 -40.60
C THR D 420 10.61 -8.39 -40.25
N THR D 421 9.29 -8.34 -40.20
CA THR D 421 8.46 -9.51 -39.98
C THR D 421 7.62 -9.73 -41.22
N THR D 422 7.87 -10.84 -41.92
CA THR D 422 7.28 -11.06 -43.23
C THR D 422 5.79 -11.32 -43.14
N GLN D 423 5.41 -12.41 -42.50
CA GLN D 423 4.01 -12.78 -42.33
C GLN D 423 3.71 -12.91 -40.84
N GLY D 424 2.45 -13.17 -40.52
CA GLY D 424 2.08 -13.48 -39.17
C GLY D 424 1.92 -12.27 -38.28
N LYS D 425 0.92 -12.31 -37.41
CA LYS D 425 0.53 -11.16 -36.61
C LYS D 425 1.44 -11.03 -35.39
N LEU D 426 1.02 -10.22 -34.44
CA LEU D 426 1.73 -9.99 -33.18
C LEU D 426 0.81 -10.37 -32.03
N PHE D 427 1.37 -10.41 -30.83
CA PHE D 427 0.58 -10.78 -29.67
C PHE D 427 1.25 -10.22 -28.43
N PHE D 428 0.56 -9.34 -27.72
CA PHE D 428 1.08 -8.79 -26.48
C PHE D 428 -0.09 -8.78 -25.49
N HIS D 429 -0.22 -9.87 -24.75
CA HIS D 429 -1.15 -9.91 -23.63
C HIS D 429 -0.36 -10.05 -22.34
N TYR D 430 -0.72 -9.22 -21.36
CA TYR D 430 -0.23 -9.28 -19.98
C TYR D 430 1.29 -9.13 -19.92
N ASN D 431 1.76 -7.99 -20.41
CA ASN D 431 3.13 -7.56 -20.16
C ASN D 431 3.04 -6.38 -19.22
N PRO D 432 3.33 -6.54 -17.96
CA PRO D 432 3.13 -5.42 -17.02
C PRO D 432 4.01 -4.21 -17.28
N LYS D 433 5.32 -4.36 -17.34
CA LYS D 433 6.17 -3.18 -17.41
C LYS D 433 6.57 -2.81 -18.84
N LEU D 434 5.82 -3.24 -19.84
CA LEU D 434 6.11 -2.89 -21.22
C LEU D 434 5.12 -1.87 -21.73
N CYS D 435 5.63 -0.75 -22.23
CA CYS D 435 4.79 0.34 -22.71
C CYS D 435 4.20 0.04 -24.07
N LEU D 436 3.03 0.64 -24.34
CA LEU D 436 2.37 0.50 -25.63
C LEU D 436 3.07 1.26 -26.73
N SER D 437 3.88 2.26 -26.39
CA SER D 437 4.62 2.99 -27.40
C SER D 437 5.64 2.10 -28.09
N GLU D 438 6.32 1.25 -27.32
CA GLU D 438 7.22 0.26 -27.88
C GLU D 438 6.50 -0.73 -28.77
N ILE D 439 5.27 -1.07 -28.39
CA ILE D 439 4.47 -2.02 -29.16
C ILE D 439 4.04 -1.43 -30.48
N HIS D 440 3.60 -0.18 -30.48
CA HIS D 440 3.20 0.45 -31.72
C HIS D 440 4.40 0.74 -32.61
N LYS D 441 5.55 1.05 -32.02
CA LYS D 441 6.78 1.14 -32.80
C LYS D 441 7.13 -0.18 -33.44
N MET D 442 6.86 -1.29 -32.74
CA MET D 442 7.13 -2.58 -33.36
C MET D 442 6.14 -2.88 -34.46
N GLU D 443 4.88 -2.45 -34.28
CA GLU D 443 3.88 -2.61 -35.33
C GLU D 443 4.28 -1.86 -36.59
N GLU D 444 4.87 -0.69 -36.43
CA GLU D 444 5.21 0.11 -37.60
C GLU D 444 6.53 -0.30 -38.22
N VAL D 445 7.58 -0.50 -37.42
CA VAL D 445 8.89 -0.84 -37.95
C VAL D 445 8.91 -2.29 -38.43
N SER D 446 8.11 -3.16 -37.83
CA SER D 446 8.19 -4.59 -38.09
C SER D 446 7.68 -4.95 -39.48
N GLY D 447 6.75 -4.19 -40.03
CA GLY D 447 6.15 -4.55 -41.28
C GLY D 447 4.79 -5.19 -41.12
N THR D 448 3.95 -4.59 -40.27
CA THR D 448 2.57 -5.02 -40.13
C THR D 448 1.57 -3.94 -40.46
N LYS D 449 1.97 -2.67 -40.49
CA LYS D 449 1.06 -1.62 -40.95
C LYS D 449 0.85 -1.71 -42.45
N GLY D 450 1.94 -1.71 -43.22
CA GLY D 450 1.88 -2.31 -44.53
C GLY D 450 1.72 -3.81 -44.36
N ARG D 451 0.93 -4.43 -45.26
CA ARG D 451 0.33 -5.75 -45.07
C ARG D 451 -0.50 -5.77 -43.77
N GLN D 452 -1.61 -5.02 -43.81
CA GLN D 452 -2.48 -4.80 -42.66
C GLN D 452 -2.98 -6.09 -42.03
N GLU D 453 -2.54 -6.36 -40.80
CA GLU D 453 -2.90 -7.56 -40.08
C GLU D 453 -3.60 -7.17 -38.79
N ARG D 454 -4.68 -7.87 -38.47
CA ARG D 454 -5.52 -7.54 -37.32
C ARG D 454 -4.81 -7.99 -36.05
N ASN D 455 -3.81 -7.22 -35.65
CA ASN D 455 -2.99 -7.54 -34.50
C ASN D 455 -3.81 -7.45 -33.21
N ASP D 456 -3.42 -8.26 -32.24
CA ASP D 456 -4.19 -8.44 -31.01
C ASP D 456 -3.28 -8.10 -29.85
N ILE D 457 -3.39 -6.87 -29.35
CA ILE D 457 -2.57 -6.36 -28.27
C ILE D 457 -3.47 -5.98 -27.12
N ALA D 458 -3.19 -6.49 -25.94
CA ALA D 458 -3.97 -6.14 -24.76
C ALA D 458 -3.72 -4.69 -24.39
N LEU D 459 -4.73 -3.85 -24.63
CA LEU D 459 -4.58 -2.42 -24.41
C LEU D 459 -4.53 -2.08 -22.92
N LYS D 460 -5.19 -2.88 -22.09
CA LYS D 460 -5.30 -2.53 -20.69
C LYS D 460 -4.29 -3.23 -19.80
N THR D 461 -3.67 -4.31 -20.28
CA THR D 461 -2.65 -5.00 -19.51
C THR D 461 -1.32 -5.02 -20.25
N ASN D 462 -0.97 -3.91 -20.88
CA ASN D 462 0.40 -3.68 -21.34
C ASN D 462 0.79 -2.29 -20.87
N GLY D 463 1.63 -2.21 -19.85
CA GLY D 463 2.00 -0.91 -19.34
C GLY D 463 1.56 -0.69 -17.92
N ASP D 464 1.17 -1.76 -17.25
CA ASP D 464 0.72 -1.66 -15.87
C ASP D 464 1.92 -1.43 -14.97
N LYS D 465 1.88 -0.32 -14.23
CA LYS D 465 2.99 0.20 -13.43
C LYS D 465 4.23 0.49 -14.28
N ALA D 466 4.02 0.88 -15.53
CA ALA D 466 5.07 1.42 -16.38
C ALA D 466 4.64 2.80 -16.82
N SER D 467 5.41 3.82 -16.44
CA SER D 467 5.10 5.18 -16.88
C SER D 467 5.45 5.31 -18.35
N CYS D 468 4.49 5.72 -19.16
CA CYS D 468 4.69 5.82 -20.60
C CYS D 468 4.42 7.22 -21.13
N GLU D 469 4.04 8.16 -20.26
CA GLU D 469 3.73 9.55 -20.61
C GLU D 469 4.85 10.48 -20.21
N ASN D 470 6.11 10.07 -20.38
CA ASN D 470 7.22 10.78 -19.78
C ASN D 470 7.51 12.09 -20.48
N GLU D 471 7.72 13.13 -19.68
CA GLU D 471 8.22 14.41 -20.15
C GLU D 471 9.74 14.36 -20.20
N LEU D 472 10.38 15.51 -20.31
CA LEU D 472 11.84 15.55 -20.36
C LEU D 472 12.33 16.40 -19.20
N LEU D 473 13.16 15.81 -18.34
CA LEU D 473 13.97 16.60 -17.44
C LEU D 473 15.12 17.21 -18.22
N LYS D 474 15.64 18.31 -17.72
CA LYS D 474 16.77 18.96 -18.35
C LYS D 474 17.80 19.27 -17.28
N PHE D 475 19.05 18.94 -17.57
CA PHE D 475 20.12 19.31 -16.66
C PHE D 475 20.39 20.81 -16.75
N SER D 476 20.81 21.38 -15.65
CA SER D 476 21.14 22.79 -15.59
C SER D 476 22.61 23.03 -15.28
N TYR D 477 23.19 22.24 -14.38
CA TYR D 477 24.48 22.59 -13.81
C TYR D 477 25.32 21.33 -13.66
N ILE D 478 26.51 21.34 -14.26
CA ILE D 478 27.44 20.23 -14.18
C ILE D 478 28.79 20.78 -13.75
N ARG D 479 29.23 20.46 -12.53
CA ARG D 479 30.51 20.90 -12.01
C ARG D 479 31.41 19.70 -11.81
N THR D 480 32.41 19.54 -12.66
CA THR D 480 33.30 18.39 -12.58
C THR D 480 34.42 18.64 -11.59
N SER D 481 35.10 17.56 -11.23
CA SER D 481 36.31 17.61 -10.43
C SER D 481 37.17 16.45 -10.88
N PHE D 482 38.15 16.07 -10.08
CA PHE D 482 38.91 14.87 -10.38
C PHE D 482 38.38 13.65 -9.67
N ASP D 483 37.51 13.81 -8.68
CA ASP D 483 36.88 12.65 -8.05
C ASP D 483 35.42 12.87 -7.66
N LYS D 484 34.80 13.99 -8.01
CA LYS D 484 33.44 14.27 -7.61
C LYS D 484 32.75 14.98 -8.78
N ILE D 485 31.44 14.81 -8.90
CA ILE D 485 30.70 15.52 -9.94
C ILE D 485 29.40 16.04 -9.35
N LEU D 486 29.18 17.35 -9.44
CA LEU D 486 27.95 17.96 -8.97
C LEU D 486 26.99 18.13 -10.14
N LEU D 487 25.75 17.66 -9.96
CA LEU D 487 24.73 17.76 -10.99
C LEU D 487 23.50 18.40 -10.40
N ARG D 488 22.90 19.32 -11.14
CA ARG D 488 21.59 19.87 -10.79
C ARG D 488 20.76 20.01 -12.05
N TRP D 489 19.63 19.32 -12.08
CA TRP D 489 18.66 19.37 -13.17
C TRP D 489 17.49 20.23 -12.73
N GLU D 490 16.60 20.52 -13.68
CA GLU D 490 15.49 21.40 -13.40
C GLU D 490 14.49 20.75 -12.44
N PRO D 491 13.75 21.54 -11.66
CA PRO D 491 12.76 20.93 -10.77
C PRO D 491 11.58 20.43 -11.58
N TYR D 492 11.05 19.30 -11.16
CA TYR D 492 9.89 18.71 -11.80
C TYR D 492 8.79 18.59 -10.78
N TRP D 493 7.56 18.86 -11.20
CA TRP D 493 6.39 18.53 -10.42
C TRP D 493 5.32 18.05 -11.38
N PRO D 494 4.73 16.88 -11.15
CA PRO D 494 3.58 16.44 -11.93
C PRO D 494 2.33 17.19 -11.47
N PRO D 495 1.16 17.07 -12.19
CA PRO D 495 -0.03 17.90 -11.85
C PRO D 495 -0.54 17.88 -10.42
N ASP D 496 -0.13 16.91 -9.63
CA ASP D 496 -0.22 16.98 -8.17
C ASP D 496 1.18 16.71 -7.69
N PHE D 497 1.72 17.64 -6.90
CA PHE D 497 3.16 17.58 -6.66
C PHE D 497 3.52 16.54 -5.63
N ARG D 498 2.55 16.11 -4.82
CA ARG D 498 2.80 15.10 -3.80
C ARG D 498 3.00 13.72 -4.40
N ASP D 499 2.68 13.56 -5.67
CA ASP D 499 2.90 12.30 -6.35
C ASP D 499 4.36 11.98 -6.55
N LEU D 500 5.20 12.98 -6.70
CA LEU D 500 6.62 12.74 -6.97
C LEU D 500 7.30 12.22 -5.71
N LEU D 501 7.71 10.96 -5.72
CA LEU D 501 8.40 10.43 -4.56
C LEU D 501 9.86 10.78 -4.55
N GLY D 502 10.48 10.80 -5.71
CA GLY D 502 11.89 11.08 -5.76
C GLY D 502 12.40 10.92 -7.17
N PHE D 503 13.70 11.06 -7.29
CA PHE D 503 14.41 10.88 -8.53
C PHE D 503 15.32 9.69 -8.34
N MET D 504 15.79 9.13 -9.44
CA MET D 504 16.69 7.99 -9.39
C MET D 504 17.88 8.30 -10.26
N LEU D 505 18.89 8.91 -9.68
CA LEU D 505 20.14 9.16 -10.38
C LEU D 505 20.81 7.85 -10.70
N PHE D 506 20.93 7.51 -11.96
CA PHE D 506 21.73 6.36 -12.29
C PHE D 506 23.06 6.87 -12.81
N TYR D 507 24.12 6.10 -12.63
CA TYR D 507 25.37 6.42 -13.29
C TYR D 507 26.18 5.16 -13.48
N LYS D 508 27.19 5.26 -14.31
CA LYS D 508 27.91 4.11 -14.85
C LYS D 508 29.16 4.63 -15.50
N GLU D 509 30.33 4.09 -15.20
CA GLU D 509 31.49 4.54 -15.95
C GLU D 509 31.45 3.93 -17.34
N ALA D 510 31.63 4.77 -18.34
CA ALA D 510 31.26 4.43 -19.71
C ALA D 510 32.27 5.03 -20.66
N PRO D 511 33.23 4.24 -21.16
CA PRO D 511 34.20 4.76 -22.11
C PRO D 511 33.66 4.98 -23.51
N TYR D 512 32.38 4.79 -23.77
CA TYR D 512 31.84 5.06 -25.10
C TYR D 512 30.48 5.71 -24.98
N GLN D 513 30.13 6.48 -26.01
CA GLN D 513 28.87 7.19 -26.03
C GLN D 513 27.80 6.44 -26.83
N ASN D 514 27.61 5.16 -26.48
CA ASN D 514 26.52 4.37 -27.04
C ASN D 514 25.66 3.75 -25.95
N VAL D 515 25.83 4.20 -24.71
CA VAL D 515 25.22 3.56 -23.55
C VAL D 515 23.75 3.94 -23.50
N THR D 516 22.88 3.00 -23.84
CA THR D 516 21.45 3.21 -23.66
C THR D 516 21.08 2.80 -22.24
N GLU D 517 19.80 2.83 -21.95
CA GLU D 517 19.35 2.63 -20.58
C GLU D 517 19.48 1.18 -20.15
N PHE D 518 19.05 0.26 -20.99
CA PHE D 518 18.99 -1.14 -20.63
C PHE D 518 20.18 -1.93 -21.13
N ASP D 519 21.15 -1.27 -21.74
CA ASP D 519 22.46 -1.87 -21.95
C ASP D 519 23.03 -2.23 -20.58
N GLY D 520 23.69 -3.38 -20.51
CA GLY D 520 24.14 -3.78 -19.20
C GLY D 520 23.20 -4.75 -18.54
N GLN D 521 22.26 -4.23 -17.74
CA GLN D 521 21.53 -5.00 -16.74
C GLN D 521 20.74 -6.19 -17.28
N ASP D 522 19.67 -5.95 -18.04
CA ASP D 522 18.84 -6.95 -18.74
C ASP D 522 18.46 -8.18 -17.93
N ALA D 523 18.38 -8.05 -16.61
CA ALA D 523 18.24 -9.20 -15.73
C ALA D 523 17.72 -8.74 -14.38
N CYS D 524 16.84 -9.53 -13.80
CA CYS D 524 16.60 -9.42 -12.37
C CYS D 524 17.75 -10.07 -11.61
N GLY D 525 18.03 -9.54 -10.43
CA GLY D 525 19.10 -10.05 -9.61
C GLY D 525 20.41 -9.29 -9.73
N SER D 526 20.64 -8.57 -10.82
CA SER D 526 21.89 -7.84 -11.01
C SER D 526 21.62 -6.59 -11.83
N ASN D 527 22.61 -5.70 -11.87
CA ASN D 527 22.46 -4.40 -12.50
C ASN D 527 23.83 -3.89 -12.90
N SER D 528 23.86 -3.04 -13.93
CA SER D 528 25.10 -2.45 -14.39
C SER D 528 25.30 -1.01 -13.93
N TRP D 529 24.24 -0.36 -13.45
CA TRP D 529 24.23 1.04 -13.10
C TRP D 529 24.23 1.22 -11.59
N THR D 530 25.13 2.05 -11.09
CA THR D 530 25.01 2.48 -9.71
C THR D 530 23.82 3.40 -9.59
N VAL D 531 23.01 3.22 -8.55
CA VAL D 531 21.74 3.92 -8.39
C VAL D 531 21.78 4.73 -7.11
N VAL D 532 21.33 5.98 -7.19
CA VAL D 532 21.16 6.87 -6.05
C VAL D 532 19.72 7.32 -6.05
N ASP D 533 19.06 7.27 -4.90
CA ASP D 533 17.67 7.69 -4.83
C ASP D 533 17.58 8.99 -4.06
N ILE D 534 16.92 9.99 -4.66
CA ILE D 534 17.03 11.37 -4.22
C ILE D 534 15.65 11.90 -3.91
N ASP D 535 15.44 12.32 -2.68
CA ASP D 535 14.19 12.95 -2.29
C ASP D 535 14.00 14.28 -3.03
N PRO D 536 12.76 14.74 -3.21
CA PRO D 536 12.56 15.99 -3.91
C PRO D 536 12.83 17.18 -3.01
N PRO D 537 13.09 18.35 -3.56
CA PRO D 537 13.27 19.54 -2.73
C PRO D 537 11.94 20.22 -2.42
N LEU D 538 12.04 21.33 -1.72
CA LEU D 538 10.85 22.11 -1.39
C LEU D 538 10.37 22.87 -2.63
N ARG D 539 9.07 22.93 -2.81
CA ARG D 539 8.51 23.48 -4.04
C ARG D 539 8.51 25.01 -4.08
N GLN D 546 12.74 28.96 -7.23
CA GLN D 546 12.55 27.59 -6.76
C GLN D 546 13.83 26.78 -6.78
N ASN D 547 13.89 25.76 -5.92
CA ASN D 547 15.12 25.01 -5.75
C ASN D 547 15.37 24.07 -6.92
N HIS D 548 16.57 24.06 -7.38
CA HIS D 548 17.03 23.07 -8.32
C HIS D 548 17.64 21.90 -7.59
N PRO D 549 17.22 20.67 -7.88
CA PRO D 549 17.79 19.52 -7.21
C PRO D 549 18.97 18.92 -7.95
N GLY D 550 19.74 18.13 -7.23
CA GLY D 550 20.90 17.51 -7.81
C GLY D 550 21.55 16.58 -6.81
N TRP D 551 22.77 16.18 -7.15
CA TRP D 551 23.53 15.24 -6.35
C TRP D 551 25.01 15.40 -6.64
N LEU D 552 25.82 15.14 -5.62
CA LEU D 552 27.27 15.11 -5.74
C LEU D 552 27.71 13.65 -5.74
N MET D 553 28.17 13.17 -6.88
CA MET D 553 28.77 11.85 -6.95
C MET D 553 30.18 11.89 -6.39
N ARG D 554 30.52 10.89 -5.57
CA ARG D 554 31.59 10.98 -4.59
C ARG D 554 32.75 10.02 -4.83
N GLY D 555 32.49 8.73 -4.97
CA GLY D 555 33.59 7.77 -5.03
C GLY D 555 34.07 7.48 -6.43
N LEU D 556 34.79 8.40 -7.04
CA LEU D 556 35.01 8.35 -8.47
C LEU D 556 36.46 8.08 -8.81
N LYS D 557 36.73 8.00 -10.11
CA LYS D 557 38.09 7.86 -10.57
C LYS D 557 38.46 9.05 -11.43
N PRO D 558 39.72 9.49 -11.38
CA PRO D 558 40.14 10.61 -12.22
C PRO D 558 40.21 10.21 -13.67
N TRP D 559 39.94 11.19 -14.54
CA TRP D 559 40.12 11.11 -15.99
C TRP D 559 39.31 9.95 -16.58
N THR D 560 38.01 10.00 -16.33
CA THR D 560 37.12 8.89 -16.61
C THR D 560 35.80 9.44 -17.10
N GLN D 561 35.29 8.91 -18.20
CA GLN D 561 34.03 9.39 -18.75
C GLN D 561 32.87 8.62 -18.13
N TYR D 562 31.81 9.33 -17.75
CA TYR D 562 30.64 8.71 -17.15
C TYR D 562 29.40 8.94 -17.98
N ALA D 563 28.45 8.02 -17.83
CA ALA D 563 27.11 8.13 -18.41
C ALA D 563 26.10 8.30 -17.29
N ILE D 564 25.24 9.30 -17.41
CA ILE D 564 24.38 9.73 -16.31
C ILE D 564 22.98 9.98 -16.86
N PHE D 565 21.96 9.55 -16.13
CA PHE D 565 20.63 10.14 -16.30
C PHE D 565 19.87 10.09 -14.99
N VAL D 566 18.74 10.79 -15.00
CA VAL D 566 17.87 10.98 -13.84
C VAL D 566 16.46 10.69 -14.29
N LYS D 567 15.78 9.83 -13.55
CA LYS D 567 14.44 9.36 -13.85
C LYS D 567 13.54 9.63 -12.66
N THR D 568 12.31 10.05 -12.93
CA THR D 568 11.39 10.36 -11.85
C THR D 568 10.48 9.18 -11.56
N LEU D 569 10.12 9.02 -10.28
CA LEU D 569 9.19 7.97 -9.88
C LEU D 569 8.02 8.61 -9.15
N VAL D 570 6.81 8.39 -9.66
CA VAL D 570 5.61 9.04 -9.17
C VAL D 570 4.64 7.97 -8.73
N THR D 571 3.61 8.41 -8.01
CA THR D 571 2.53 7.49 -7.66
C THR D 571 1.49 7.45 -8.75
N PHE D 572 0.49 6.59 -8.56
CA PHE D 572 -0.58 6.40 -9.52
C PHE D 572 -1.85 7.04 -8.97
N SER D 573 -2.54 7.79 -9.80
CA SER D 573 -3.77 8.41 -9.37
C SER D 573 -4.87 7.36 -9.27
N ASP D 574 -6.03 7.77 -8.77
CA ASP D 574 -7.14 6.84 -8.57
C ASP D 574 -7.94 6.67 -9.86
N GLU D 575 -7.22 6.47 -10.96
CA GLU D 575 -7.79 6.19 -12.27
C GLU D 575 -6.89 5.26 -13.08
N ARG D 576 -5.78 4.78 -12.51
CA ARG D 576 -4.64 4.23 -13.23
C ARG D 576 -4.20 5.22 -14.32
N ARG D 577 -3.68 6.35 -13.83
CA ARG D 577 -3.03 7.33 -14.66
C ARG D 577 -1.67 7.63 -14.07
N THR D 578 -0.64 7.61 -14.91
CA THR D 578 0.73 7.80 -14.48
C THR D 578 1.26 9.12 -15.05
N TYR D 579 2.41 9.53 -14.53
CA TYR D 579 3.10 10.72 -15.03
C TYR D 579 4.58 10.39 -15.08
N GLY D 580 5.40 11.41 -15.24
CA GLY D 580 6.82 11.15 -15.14
C GLY D 580 7.68 11.96 -16.06
N ALA D 581 8.97 11.93 -15.80
CA ALA D 581 9.93 12.62 -16.63
C ALA D 581 11.23 11.85 -16.52
N LYS D 582 12.08 11.97 -17.53
CA LYS D 582 13.27 11.14 -17.53
C LYS D 582 14.32 11.84 -18.38
N SER D 583 15.38 12.31 -17.74
CA SER D 583 16.44 13.01 -18.44
C SER D 583 17.20 12.08 -19.35
N ASP D 584 17.79 12.66 -20.37
CA ASP D 584 18.50 11.86 -21.35
C ASP D 584 19.86 11.48 -20.80
N ILE D 585 20.59 10.68 -21.55
CA ILE D 585 21.94 10.26 -21.16
C ILE D 585 22.90 11.39 -21.48
N ILE D 586 23.60 11.87 -20.47
CA ILE D 586 24.65 12.85 -20.69
C ILE D 586 25.94 12.30 -20.11
N TYR D 587 27.04 12.62 -20.77
CA TYR D 587 28.34 12.04 -20.46
C TYR D 587 29.21 13.13 -19.87
N VAL D 588 29.75 12.85 -18.68
CA VAL D 588 30.55 13.82 -17.96
C VAL D 588 31.89 13.18 -17.64
N GLN D 589 32.98 13.82 -18.05
CA GLN D 589 34.31 13.32 -17.75
C GLN D 589 34.89 14.09 -16.57
N THR D 590 35.58 13.38 -15.68
CA THR D 590 36.19 14.01 -14.54
C THR D 590 37.53 14.63 -14.92
N ASP D 591 38.22 15.19 -13.92
CA ASP D 591 39.52 15.81 -14.13
C ASP D 591 40.63 14.84 -13.77
N ALA D 592 41.84 15.17 -14.21
CA ALA D 592 42.98 14.28 -14.02
C ALA D 592 43.85 14.76 -12.87
N THR D 593 44.75 13.88 -12.44
CA THR D 593 45.66 14.16 -11.33
C THR D 593 46.93 13.35 -11.55
N ASN D 594 47.71 13.18 -10.49
CA ASN D 594 48.98 12.45 -10.53
C ASN D 594 48.83 10.98 -10.89
N TYR D 675 37.23 -8.75 -18.04
CA TYR D 675 35.82 -8.64 -17.67
C TYR D 675 35.56 -7.31 -16.97
N GLU D 676 36.27 -6.27 -17.41
CA GLU D 676 36.21 -4.96 -16.80
C GLU D 676 35.21 -4.04 -17.48
N ASP D 677 34.15 -4.60 -18.05
CA ASP D 677 33.12 -3.79 -18.70
C ASP D 677 32.34 -2.95 -17.69
N SER D 678 32.26 -3.41 -16.45
CA SER D 678 31.44 -2.76 -15.44
C SER D 678 32.15 -2.94 -14.10
N ALA D 679 31.42 -2.74 -13.01
CA ALA D 679 31.96 -2.96 -11.67
C ALA D 679 31.41 -4.19 -11.01
N GLY D 680 30.12 -4.47 -11.14
CA GLY D 680 29.51 -5.59 -10.44
C GLY D 680 28.43 -5.10 -9.50
N GLU D 681 28.75 -4.02 -8.77
CA GLU D 681 27.79 -3.18 -8.06
C GLU D 681 26.98 -3.96 -7.02
N CYS D 682 27.67 -4.44 -5.99
CA CYS D 682 27.02 -4.83 -4.74
C CYS D 682 27.87 -4.46 -3.52
N CYS D 683 28.39 -3.22 -3.52
CA CYS D 683 28.80 -2.64 -2.24
C CYS D 683 27.58 -2.37 -1.36
N SER D 684 26.43 -2.07 -1.98
CA SER D 684 25.14 -2.03 -1.31
C SER D 684 24.08 -2.32 -2.36
N CYS D 685 23.52 -3.54 -2.34
CA CYS D 685 22.72 -4.02 -3.44
C CYS D 685 21.37 -3.28 -3.49
N PRO D 686 20.83 -3.01 -4.70
CA PRO D 686 19.79 -1.98 -4.84
C PRO D 686 18.42 -2.36 -4.32
N LYS D 687 17.44 -1.48 -4.57
CA LYS D 687 16.18 -1.50 -3.86
C LYS D 687 15.21 -2.52 -4.43
N THR D 688 14.51 -3.22 -3.53
CA THR D 688 13.58 -4.27 -3.89
C THR D 688 12.32 -3.67 -4.51
N ASP D 689 11.76 -4.39 -5.49
CA ASP D 689 10.53 -3.96 -6.15
C ASP D 689 9.33 -4.00 -5.20
N SER D 690 9.28 -4.99 -4.30
CA SER D 690 8.24 -4.98 -3.28
C SER D 690 8.47 -3.88 -2.27
N GLN D 691 9.74 -3.56 -1.99
CA GLN D 691 10.03 -2.39 -1.17
C GLN D 691 9.64 -1.11 -1.87
N ILE D 692 9.79 -1.08 -3.20
CA ILE D 692 9.29 0.05 -3.97
C ILE D 692 7.78 0.19 -3.84
N LEU D 693 7.05 -0.92 -3.90
CA LEU D 693 5.60 -0.82 -3.77
C LEU D 693 5.17 -0.44 -2.36
N LYS D 694 5.95 -0.84 -1.36
CA LYS D 694 5.70 -0.38 0.00
C LYS D 694 5.93 1.12 0.14
N GLU D 695 7.00 1.63 -0.48
CA GLU D 695 7.28 3.06 -0.43
C GLU D 695 6.23 3.87 -1.17
N LEU D 696 5.79 3.36 -2.32
CA LEU D 696 4.72 4.00 -3.08
C LEU D 696 3.42 4.05 -2.29
N GLU D 697 3.14 2.99 -1.54
CA GLU D 697 1.92 2.99 -0.76
C GLU D 697 2.03 3.91 0.45
N GLU D 698 3.23 4.03 1.03
CA GLU D 698 3.48 5.04 2.06
C GLU D 698 3.21 6.45 1.53
N SER D 699 3.65 6.71 0.30
CA SER D 699 3.41 8.00 -0.34
C SER D 699 1.94 8.27 -0.55
N SER D 700 1.23 7.29 -1.10
CA SER D 700 -0.20 7.45 -1.36
C SER D 700 -0.99 7.57 -0.07
N PHE D 701 -0.46 7.01 1.00
CA PHE D 701 -1.12 7.11 2.28
C PHE D 701 -0.96 8.50 2.90
N ARG D 702 0.23 9.09 2.79
CA ARG D 702 0.42 10.47 3.22
C ARG D 702 -0.43 11.44 2.41
N LYS D 703 -0.53 11.17 1.11
CA LYS D 703 -1.33 12.01 0.23
C LYS D 703 -2.83 11.89 0.55
N THR D 704 -3.31 10.69 0.88
CA THR D 704 -4.73 10.53 1.21
C THR D 704 -5.08 11.17 2.53
N PHE D 705 -4.20 11.08 3.52
CA PHE D 705 -4.51 11.73 4.78
C PHE D 705 -4.51 13.24 4.65
N GLU D 706 -3.60 13.79 3.83
CA GLU D 706 -3.64 15.23 3.61
C GLU D 706 -4.88 15.65 2.85
N ASP D 707 -5.31 14.83 1.89
CA ASP D 707 -6.56 15.12 1.18
C ASP D 707 -7.76 15.06 2.10
N TYR D 708 -7.78 14.10 3.02
CA TYR D 708 -8.87 14.02 3.99
C TYR D 708 -8.88 15.23 4.89
N LEU D 709 -7.70 15.72 5.27
CA LEU D 709 -7.69 16.87 6.15
C LEU D 709 -8.17 18.13 5.43
N HIS D 710 -7.71 18.36 4.20
CA HIS D 710 -8.20 19.53 3.48
C HIS D 710 -9.67 19.42 3.14
N ASN D 711 -10.17 18.20 2.94
CA ASN D 711 -11.60 18.01 2.74
C ASN D 711 -12.38 18.35 3.99
N VAL D 712 -11.88 17.97 5.16
CA VAL D 712 -12.63 18.16 6.39
C VAL D 712 -12.65 19.62 6.80
N VAL D 713 -11.52 20.30 6.69
CA VAL D 713 -11.37 21.59 7.37
C VAL D 713 -12.10 22.71 6.63
N PHE D 714 -11.99 22.76 5.31
CA PHE D 714 -12.52 23.88 4.54
C PHE D 714 -13.97 23.61 4.17
N VAL D 715 -14.87 24.49 4.57
CA VAL D 715 -16.31 24.32 4.45
C VAL D 715 -16.86 25.38 3.51
N PRO D 716 -17.62 25.02 2.48
CA PRO D 716 -18.09 26.01 1.51
C PRO D 716 -19.12 26.94 2.10
N ARG D 717 -19.25 28.09 1.46
CA ARG D 717 -20.28 29.04 1.83
C ARG D 717 -21.64 28.48 1.44
N PRO D 718 -22.65 28.52 2.31
CA PRO D 718 -23.96 27.98 1.98
C PRO D 718 -24.70 28.82 0.94
#